data_2ERW
# 
_entry.id   2ERW 
# 
_audit_conform.dict_name       mmcif_pdbx.dic 
_audit_conform.dict_version    5.399 
_audit_conform.dict_location   http://mmcif.pdb.org/dictionaries/ascii/mmcif_pdbx.dic 
# 
loop_
_database_2.database_id 
_database_2.database_code 
_database_2.pdbx_database_accession 
_database_2.pdbx_DOI 
PDB   2ERW         pdb_00002erw 10.2210/pdb2erw/pdb 
RCSB  RCSB035016   ?            ?                   
WWPDB D_1000035016 ?            ?                   
# 
loop_
_pdbx_audit_revision_history.ordinal 
_pdbx_audit_revision_history.data_content_type 
_pdbx_audit_revision_history.major_revision 
_pdbx_audit_revision_history.minor_revision 
_pdbx_audit_revision_history.revision_date 
1 'Structure model' 1 0 2006-10-31 
2 'Structure model' 1 1 2008-05-01 
3 'Structure model' 1 2 2011-07-13 
4 'Structure model' 1 3 2012-06-20 
5 'Structure model' 1 4 2017-07-05 
6 'Structure model' 1 5 2023-08-23 
7 'Structure model' 1 6 2024-11-20 
# 
_pdbx_audit_revision_details.ordinal             1 
_pdbx_audit_revision_details.revision_ordinal    1 
_pdbx_audit_revision_details.data_content_type   'Structure model' 
_pdbx_audit_revision_details.provider            repository 
_pdbx_audit_revision_details.type                'Initial release' 
_pdbx_audit_revision_details.description         ? 
_pdbx_audit_revision_details.details             ? 
# 
loop_
_pdbx_audit_revision_group.ordinal 
_pdbx_audit_revision_group.revision_ordinal 
_pdbx_audit_revision_group.data_content_type 
_pdbx_audit_revision_group.group 
1 2 'Structure model' 'Version format compliance' 
2 3 'Structure model' Advisory                    
3 3 'Structure model' 'Version format compliance' 
4 4 'Structure model' 'Database references'       
5 5 'Structure model' 'Database references'       
6 6 'Structure model' 'Data collection'           
7 6 'Structure model' 'Database references'       
8 6 'Structure model' 'Refinement description'    
9 7 'Structure model' 'Structure summary'         
# 
loop_
_pdbx_audit_revision_category.ordinal 
_pdbx_audit_revision_category.revision_ordinal 
_pdbx_audit_revision_category.data_content_type 
_pdbx_audit_revision_category.category 
1 5 'Structure model' citation_author               
2 6 'Structure model' chem_comp_atom                
3 6 'Structure model' chem_comp_bond                
4 6 'Structure model' database_2                    
5 6 'Structure model' pdbx_initial_refinement_model 
6 7 'Structure model' pdbx_entry_details            
7 7 'Structure model' pdbx_modification_feature     
# 
loop_
_pdbx_audit_revision_item.ordinal 
_pdbx_audit_revision_item.revision_ordinal 
_pdbx_audit_revision_item.data_content_type 
_pdbx_audit_revision_item.item 
1 5 'Structure model' '_citation_author.name'               
2 6 'Structure model' '_database_2.pdbx_DOI'                
3 6 'Structure model' '_database_2.pdbx_database_accession' 
# 
_pdbx_database_status.status_code                     REL 
_pdbx_database_status.entry_id                        2ERW 
_pdbx_database_status.recvd_initial_deposition_date   2005-10-25 
_pdbx_database_status.deposit_site                    RCSB 
_pdbx_database_status.process_site                    RCSB 
_pdbx_database_status.status_code_sf                  REL 
_pdbx_database_status.status_code_mr                  ? 
_pdbx_database_status.SG_entry                        N 
_pdbx_database_status.status_code_cs                  ? 
_pdbx_database_status.pdb_format_compatible           Y 
_pdbx_database_status.methods_development_category    ? 
_pdbx_database_status.status_code_nmr_data            ? 
# 
_pdbx_database_related.db_name        PDB 
_pdbx_database_related.db_id          1TBR 
_pdbx_database_related.details        
'Crystal Structure Of Insect Derived Double Domain Kazal Inhibitor Rhodniin In Complex With Thrombin' 
_pdbx_database_related.content_type   unspecified 
# 
loop_
_audit_author.name 
_audit_author.pdbx_ordinal 
_audit_author.identifier_ORCID 
'Campos, I.T.N.'    1 ? 
'Tanaka, A.S.'      2 ? 
'Barbosa, J.A.R.G.' 3 ? 
# 
_citation.id                        primary 
_citation.title                     
'The Kazal-type inhibitors infestins 1 and 4 differ in specificity but are similar in three-dimensional structure.' 
_citation.journal_abbrev            'Acta Crystallogr.,Sect.D' 
_citation.journal_volume            68 
_citation.page_first                695 
_citation.page_last                 702 
_citation.year                      2012 
_citation.journal_id_ASTM           ABCRE6 
_citation.country                   DK 
_citation.journal_id_ISSN           0907-4449 
_citation.journal_id_CSD            0766 
_citation.book_publisher            ? 
_citation.pdbx_database_id_PubMed   22683792 
_citation.pdbx_database_id_DOI      10.1107/S0907444912009067 
# 
loop_
_citation_author.citation_id 
_citation_author.name 
_citation_author.ordinal 
_citation_author.identifier_ORCID 
primary 'Campos, I.T.'         1 ? 
primary 'Souza, T.A.'          2 ? 
primary 'Torquato, R.J.'       3 ? 
primary 'De Marco, R.'         4 ? 
primary 'Tanaka-Azevedo, A.M.' 5 ? 
primary 'Tanaka, A.S.'         6 ? 
primary 'Barbosa, J.A.R.G.'    7 ? 
# 
loop_
_entity.id 
_entity.type 
_entity.src_method 
_entity.pdbx_description 
_entity.formula_weight 
_entity.pdbx_number_of_molecules 
_entity.pdbx_ec 
_entity.pdbx_mutation 
_entity.pdbx_fragment 
_entity.details 
1 polymer man 'serine protease inhibitor infestin' 6198.125 1  ? ? 'residues 167-222' ? 
2 water   nat water                                18.015   74 ? ? ?                  ? 
# 
_entity_poly.entity_id                      1 
_entity_poly.type                           'polypeptide(L)' 
_entity_poly.nstd_linkage                   no 
_entity_poly.nstd_monomer                   no 
_entity_poly.pdbx_seq_one_letter_code       EVRNPCACFRNYVPVCGSDGKTYGNPCMLNCAAQTKVPGLKLVHEGRCQRSNVEQF 
_entity_poly.pdbx_seq_one_letter_code_can   EVRNPCACFRNYVPVCGSDGKTYGNPCMLNCAAQTKVPGLKLVHEGRCQRSNVEQF 
_entity_poly.pdbx_strand_id                 A 
_entity_poly.pdbx_target_identifier         ? 
# 
_pdbx_entity_nonpoly.entity_id   2 
_pdbx_entity_nonpoly.name        water 
_pdbx_entity_nonpoly.comp_id     HOH 
# 
loop_
_entity_poly_seq.entity_id 
_entity_poly_seq.num 
_entity_poly_seq.mon_id 
_entity_poly_seq.hetero 
1 1  GLU n 
1 2  VAL n 
1 3  ARG n 
1 4  ASN n 
1 5  PRO n 
1 6  CYS n 
1 7  ALA n 
1 8  CYS n 
1 9  PHE n 
1 10 ARG n 
1 11 ASN n 
1 12 TYR n 
1 13 VAL n 
1 14 PRO n 
1 15 VAL n 
1 16 CYS n 
1 17 GLY n 
1 18 SER n 
1 19 ASP n 
1 20 GLY n 
1 21 LYS n 
1 22 THR n 
1 23 TYR n 
1 24 GLY n 
1 25 ASN n 
1 26 PRO n 
1 27 CYS n 
1 28 MET n 
1 29 LEU n 
1 30 ASN n 
1 31 CYS n 
1 32 ALA n 
1 33 ALA n 
1 34 GLN n 
1 35 THR n 
1 36 LYS n 
1 37 VAL n 
1 38 PRO n 
1 39 GLY n 
1 40 LEU n 
1 41 LYS n 
1 42 LEU n 
1 43 VAL n 
1 44 HIS n 
1 45 GLU n 
1 46 GLY n 
1 47 ARG n 
1 48 CYS n 
1 49 GLN n 
1 50 ARG n 
1 51 SER n 
1 52 ASN n 
1 53 VAL n 
1 54 GLU n 
1 55 GLN n 
1 56 PHE n 
# 
_entity_src_gen.entity_id                          1 
_entity_src_gen.pdbx_src_id                        1 
_entity_src_gen.pdbx_alt_source_flag               sample 
_entity_src_gen.pdbx_seq_type                      ? 
_entity_src_gen.pdbx_beg_seq_num                   ? 
_entity_src_gen.pdbx_end_seq_num                   ? 
_entity_src_gen.gene_src_common_name               ? 
_entity_src_gen.gene_src_genus                     Triatoma 
_entity_src_gen.pdbx_gene_src_gene                 ? 
_entity_src_gen.gene_src_species                   ? 
_entity_src_gen.gene_src_strain                    ? 
_entity_src_gen.gene_src_tissue                    ? 
_entity_src_gen.gene_src_tissue_fraction           ? 
_entity_src_gen.gene_src_details                   ? 
_entity_src_gen.pdbx_gene_src_fragment             ? 
_entity_src_gen.pdbx_gene_src_scientific_name      'Triatoma infestans' 
_entity_src_gen.pdbx_gene_src_ncbi_taxonomy_id     30076 
_entity_src_gen.pdbx_gene_src_variant              ? 
_entity_src_gen.pdbx_gene_src_cell_line            ? 
_entity_src_gen.pdbx_gene_src_atcc                 ? 
_entity_src_gen.pdbx_gene_src_organ                ? 
_entity_src_gen.pdbx_gene_src_organelle            ? 
_entity_src_gen.pdbx_gene_src_cell                 ? 
_entity_src_gen.pdbx_gene_src_cellular_location    ? 
_entity_src_gen.host_org_common_name               ? 
_entity_src_gen.pdbx_host_org_scientific_name      'Pichia pastoris' 
_entity_src_gen.pdbx_host_org_ncbi_taxonomy_id     4922 
_entity_src_gen.host_org_genus                     Pichia 
_entity_src_gen.pdbx_host_org_gene                 ? 
_entity_src_gen.pdbx_host_org_organ                ? 
_entity_src_gen.host_org_species                   ? 
_entity_src_gen.pdbx_host_org_tissue               ? 
_entity_src_gen.pdbx_host_org_tissue_fraction      ? 
_entity_src_gen.pdbx_host_org_strain               GS115 
_entity_src_gen.pdbx_host_org_variant              ? 
_entity_src_gen.pdbx_host_org_cell_line            ? 
_entity_src_gen.pdbx_host_org_atcc                 ? 
_entity_src_gen.pdbx_host_org_culture_collection   ? 
_entity_src_gen.pdbx_host_org_cell                 ? 
_entity_src_gen.pdbx_host_org_organelle            ? 
_entity_src_gen.pdbx_host_org_cellular_location    ? 
_entity_src_gen.pdbx_host_org_vector_type          plasmid 
_entity_src_gen.pdbx_host_org_vector               ? 
_entity_src_gen.host_org_details                   ? 
_entity_src_gen.expression_system_id               ? 
_entity_src_gen.plasmid_name                       pPIC9 
_entity_src_gen.plasmid_details                    ? 
_entity_src_gen.pdbx_description                   ? 
# 
loop_
_chem_comp.id 
_chem_comp.type 
_chem_comp.mon_nstd_flag 
_chem_comp.name 
_chem_comp.pdbx_synonyms 
_chem_comp.formula 
_chem_comp.formula_weight 
ALA 'L-peptide linking' y ALANINE         ? 'C3 H7 N O2'     89.093  
ARG 'L-peptide linking' y ARGININE        ? 'C6 H15 N4 O2 1' 175.209 
ASN 'L-peptide linking' y ASPARAGINE      ? 'C4 H8 N2 O3'    132.118 
ASP 'L-peptide linking' y 'ASPARTIC ACID' ? 'C4 H7 N O4'     133.103 
CYS 'L-peptide linking' y CYSTEINE        ? 'C3 H7 N O2 S'   121.158 
GLN 'L-peptide linking' y GLUTAMINE       ? 'C5 H10 N2 O3'   146.144 
GLU 'L-peptide linking' y 'GLUTAMIC ACID' ? 'C5 H9 N O4'     147.129 
GLY 'peptide linking'   y GLYCINE         ? 'C2 H5 N O2'     75.067  
HIS 'L-peptide linking' y HISTIDINE       ? 'C6 H10 N3 O2 1' 156.162 
HOH non-polymer         . WATER           ? 'H2 O'           18.015  
LEU 'L-peptide linking' y LEUCINE         ? 'C6 H13 N O2'    131.173 
LYS 'L-peptide linking' y LYSINE          ? 'C6 H15 N2 O2 1' 147.195 
MET 'L-peptide linking' y METHIONINE      ? 'C5 H11 N O2 S'  149.211 
PHE 'L-peptide linking' y PHENYLALANINE   ? 'C9 H11 N O2'    165.189 
PRO 'L-peptide linking' y PROLINE         ? 'C5 H9 N O2'     115.130 
SER 'L-peptide linking' y SERINE          ? 'C3 H7 N O3'     105.093 
THR 'L-peptide linking' y THREONINE       ? 'C4 H9 N O3'     119.119 
TYR 'L-peptide linking' y TYROSINE        ? 'C9 H11 N O3'    181.189 
VAL 'L-peptide linking' y VALINE          ? 'C5 H11 N O2'    117.146 
# 
loop_
_pdbx_poly_seq_scheme.asym_id 
_pdbx_poly_seq_scheme.entity_id 
_pdbx_poly_seq_scheme.seq_id 
_pdbx_poly_seq_scheme.mon_id 
_pdbx_poly_seq_scheme.ndb_seq_num 
_pdbx_poly_seq_scheme.pdb_seq_num 
_pdbx_poly_seq_scheme.auth_seq_num 
_pdbx_poly_seq_scheme.pdb_mon_id 
_pdbx_poly_seq_scheme.auth_mon_id 
_pdbx_poly_seq_scheme.pdb_strand_id 
_pdbx_poly_seq_scheme.pdb_ins_code 
_pdbx_poly_seq_scheme.hetero 
A 1 1  GLU 1  1  ?  ?   ?   A . n 
A 1 2  VAL 2  2  ?  ?   ?   A . n 
A 1 3  ARG 3  3  ?  ?   ?   A . n 
A 1 4  ASN 4  4  4  ASN ASN A . n 
A 1 5  PRO 5  5  5  PRO PRO A . n 
A 1 6  CYS 6  6  6  CYS CYS A . n 
A 1 7  ALA 7  7  7  ALA ALA A . n 
A 1 8  CYS 8  8  8  CYS CYS A . n 
A 1 9  PHE 9  9  9  PHE PHE A . n 
A 1 10 ARG 10 10 10 ARG ARG A . n 
A 1 11 ASN 11 11 11 ASN ASN A . n 
A 1 12 TYR 12 12 12 TYR TYR A . n 
A 1 13 VAL 13 13 13 VAL VAL A . n 
A 1 14 PRO 14 14 14 PRO PRO A . n 
A 1 15 VAL 15 15 15 VAL VAL A . n 
A 1 16 CYS 16 16 16 CYS CYS A . n 
A 1 17 GLY 17 17 17 GLY GLY A . n 
A 1 18 SER 18 18 18 SER SER A . n 
A 1 19 ASP 19 19 19 ASP ASP A . n 
A 1 20 GLY 20 20 20 GLY GLY A . n 
A 1 21 LYS 21 21 21 LYS LYS A . n 
A 1 22 THR 22 22 22 THR THR A . n 
A 1 23 TYR 23 23 23 TYR TYR A . n 
A 1 24 GLY 24 24 24 GLY GLY A . n 
A 1 25 ASN 25 25 25 ASN ASN A . n 
A 1 26 PRO 26 26 26 PRO PRO A . n 
A 1 27 CYS 27 27 27 CYS CYS A . n 
A 1 28 MET 28 28 28 MET MET A . n 
A 1 29 LEU 29 29 29 LEU LEU A . n 
A 1 30 ASN 30 30 30 ASN ASN A . n 
A 1 31 CYS 31 31 31 CYS CYS A . n 
A 1 32 ALA 32 32 32 ALA ALA A . n 
A 1 33 ALA 33 33 33 ALA ALA A . n 
A 1 34 GLN 34 34 34 GLN GLN A . n 
A 1 35 THR 35 35 35 THR THR A . n 
A 1 36 LYS 36 36 36 LYS LYS A . n 
A 1 37 VAL 37 37 37 VAL VAL A . n 
A 1 38 PRO 38 38 38 PRO PRO A . n 
A 1 39 GLY 39 39 39 GLY GLY A . n 
A 1 40 LEU 40 40 40 LEU LEU A . n 
A 1 41 LYS 41 41 41 LYS LYS A . n 
A 1 42 LEU 42 42 42 LEU LEU A . n 
A 1 43 VAL 43 43 43 VAL VAL A . n 
A 1 44 HIS 44 44 44 HIS HIS A . n 
A 1 45 GLU 45 45 45 GLU GLU A . n 
A 1 46 GLY 46 46 46 GLY GLY A . n 
A 1 47 ARG 47 47 47 ARG ARG A . n 
A 1 48 CYS 48 48 48 CYS CYS A . n 
A 1 49 GLN 49 49 49 GLN GLN A . n 
A 1 50 ARG 50 50 50 ARG ARG A . n 
A 1 51 SER 51 51 51 SER SER A . n 
A 1 52 ASN 52 52 52 ASN ASN A . n 
A 1 53 VAL 53 53 53 VAL VAL A . n 
A 1 54 GLU 54 54 54 GLU GLU A . n 
A 1 55 GLN 55 55 55 GLN GLN A . n 
A 1 56 PHE 56 56 56 PHE PHE A . n 
# 
loop_
_pdbx_nonpoly_scheme.asym_id 
_pdbx_nonpoly_scheme.entity_id 
_pdbx_nonpoly_scheme.mon_id 
_pdbx_nonpoly_scheme.ndb_seq_num 
_pdbx_nonpoly_scheme.pdb_seq_num 
_pdbx_nonpoly_scheme.auth_seq_num 
_pdbx_nonpoly_scheme.pdb_mon_id 
_pdbx_nonpoly_scheme.auth_mon_id 
_pdbx_nonpoly_scheme.pdb_strand_id 
_pdbx_nonpoly_scheme.pdb_ins_code 
B 2 HOH 1  57  1  HOH HOH A . 
B 2 HOH 2  58  2  HOH HOH A . 
B 2 HOH 3  59  3  HOH HOH A . 
B 2 HOH 4  60  4  HOH HOH A . 
B 2 HOH 5  61  5  HOH HOH A . 
B 2 HOH 6  62  6  HOH HOH A . 
B 2 HOH 7  63  7  HOH HOH A . 
B 2 HOH 8  64  8  HOH HOH A . 
B 2 HOH 9  65  9  HOH HOH A . 
B 2 HOH 10 66  10 HOH HOH A . 
B 2 HOH 11 67  11 HOH HOH A . 
B 2 HOH 12 68  12 HOH HOH A . 
B 2 HOH 13 69  13 HOH HOH A . 
B 2 HOH 14 70  14 HOH HOH A . 
B 2 HOH 15 71  15 HOH HOH A . 
B 2 HOH 16 72  16 HOH HOH A . 
B 2 HOH 17 73  17 HOH HOH A . 
B 2 HOH 18 74  18 HOH HOH A . 
B 2 HOH 19 75  19 HOH HOH A . 
B 2 HOH 20 76  20 HOH HOH A . 
B 2 HOH 21 77  21 HOH HOH A . 
B 2 HOH 22 78  22 HOH HOH A . 
B 2 HOH 23 79  23 HOH HOH A . 
B 2 HOH 24 80  24 HOH HOH A . 
B 2 HOH 25 81  25 HOH HOH A . 
B 2 HOH 26 82  26 HOH HOH A . 
B 2 HOH 27 83  27 HOH HOH A . 
B 2 HOH 28 84  28 HOH HOH A . 
B 2 HOH 29 85  29 HOH HOH A . 
B 2 HOH 30 86  30 HOH HOH A . 
B 2 HOH 31 87  31 HOH HOH A . 
B 2 HOH 32 88  32 HOH HOH A . 
B 2 HOH 33 89  33 HOH HOH A . 
B 2 HOH 34 90  34 HOH HOH A . 
B 2 HOH 35 91  35 HOH HOH A . 
B 2 HOH 36 92  36 HOH HOH A . 
B 2 HOH 37 93  37 HOH HOH A . 
B 2 HOH 38 94  38 HOH HOH A . 
B 2 HOH 39 95  39 HOH HOH A . 
B 2 HOH 40 96  40 HOH HOH A . 
B 2 HOH 41 97  41 HOH HOH A . 
B 2 HOH 42 98  42 HOH HOH A . 
B 2 HOH 43 99  43 HOH HOH A . 
B 2 HOH 44 100 44 HOH HOH A . 
B 2 HOH 45 101 45 HOH HOH A . 
B 2 HOH 46 102 46 HOH HOH A . 
B 2 HOH 47 103 47 HOH HOH A . 
B 2 HOH 48 104 48 HOH HOH A . 
B 2 HOH 49 105 49 HOH HOH A . 
B 2 HOH 50 106 50 HOH HOH A . 
B 2 HOH 51 107 51 HOH HOH A . 
B 2 HOH 52 108 52 HOH HOH A . 
B 2 HOH 53 109 53 HOH HOH A . 
B 2 HOH 54 110 54 HOH HOH A . 
B 2 HOH 55 111 55 HOH HOH A . 
B 2 HOH 56 112 56 HOH HOH A . 
B 2 HOH 57 113 57 HOH HOH A . 
B 2 HOH 58 114 58 HOH HOH A . 
B 2 HOH 59 115 59 HOH HOH A . 
B 2 HOH 60 116 60 HOH HOH A . 
B 2 HOH 61 117 61 HOH HOH A . 
B 2 HOH 62 118 62 HOH HOH A . 
B 2 HOH 63 119 63 HOH HOH A . 
B 2 HOH 64 120 64 HOH HOH A . 
B 2 HOH 65 121 65 HOH HOH A . 
B 2 HOH 66 122 66 HOH HOH A . 
B 2 HOH 67 123 67 HOH HOH A . 
B 2 HOH 68 124 68 HOH HOH A . 
B 2 HOH 69 125 69 HOH HOH A . 
B 2 HOH 70 126 70 HOH HOH A . 
B 2 HOH 71 127 71 HOH HOH A . 
B 2 HOH 72 128 72 HOH HOH A . 
B 2 HOH 73 129 73 HOH HOH A . 
B 2 HOH 74 130 74 HOH HOH A . 
# 
loop_
_software.name 
_software.classification 
_software.version 
_software.citation_id 
_software.pdbx_ordinal 
REFMAC   refinement       5.2.0005 ? 1 
HKL-2000 'data reduction' .        ? 2 
HKL-2000 'data scaling'   .        ? 3 
MOLREP   phasing          .        ? 4 
# 
_cell.entry_id           2ERW 
_cell.length_a           25.765 
_cell.length_b           45.377 
_cell.length_c           56.771 
_cell.angle_alpha        90.00 
_cell.angle_beta         90.00 
_cell.angle_gamma        90.00 
_cell.Z_PDB              4 
_cell.pdbx_unique_axis   ? 
_cell.length_a_esd       ? 
_cell.length_b_esd       ? 
_cell.length_c_esd       ? 
_cell.angle_alpha_esd    ? 
_cell.angle_beta_esd     ? 
_cell.angle_gamma_esd    ? 
# 
_symmetry.entry_id                         2ERW 
_symmetry.space_group_name_H-M             'P 21 21 21' 
_symmetry.pdbx_full_space_group_name_H-M   ? 
_symmetry.cell_setting                     ? 
_symmetry.Int_Tables_number                19 
_symmetry.space_group_name_Hall            ? 
# 
_exptl.entry_id          2ERW 
_exptl.method            'X-RAY DIFFRACTION' 
_exptl.crystals_number   1 
# 
_exptl_crystal.id                    1 
_exptl_crystal.density_meas          ? 
_exptl_crystal.density_Matthews      2.68 
_exptl_crystal.density_percent_sol   54.03 
_exptl_crystal.description           ? 
_exptl_crystal.F_000                 ? 
_exptl_crystal.preparation           ? 
# 
_exptl_crystal_grow.crystal_id      1 
_exptl_crystal_grow.method          'VAPOR DIFFUSION, SITTING DROP' 
_exptl_crystal_grow.temp            303 
_exptl_crystal_grow.temp_details    ? 
_exptl_crystal_grow.pH              5.6 
_exptl_crystal_grow.pdbx_details    
'30% PEG 4000, 0.1 M ammonium acetate, 0.1 M sodium cacodylate, pH 5.6, VAPOR DIFFUSION, SITTING DROP, temperature 303K' 
_exptl_crystal_grow.pdbx_pH_range   . 
# 
_diffrn.id                     1 
_diffrn.ambient_temp           100 
_diffrn.ambient_temp_details   ? 
_diffrn.crystal_id             1 
# 
_diffrn_detector.diffrn_id              1 
_diffrn_detector.detector               CCD 
_diffrn_detector.type                   MARRESEARCH 
_diffrn_detector.pdbx_collection_date   2004-09-09 
_diffrn_detector.details                ? 
# 
_diffrn_radiation.diffrn_id                        1 
_diffrn_radiation.wavelength_id                    1 
_diffrn_radiation.pdbx_monochromatic_or_laue_m_l   M 
_diffrn_radiation.monochromator                    'Si CRYSTAL' 
_diffrn_radiation.pdbx_diffrn_protocol             'SINGLE WAVELENGTH' 
_diffrn_radiation.pdbx_scattering_type             x-ray 
# 
_diffrn_radiation_wavelength.id           1 
_diffrn_radiation_wavelength.wavelength   1.427 
_diffrn_radiation_wavelength.wt           1.0 
# 
_diffrn_source.diffrn_id                   1 
_diffrn_source.source                      SYNCHROTRON 
_diffrn_source.type                        'LNLS BEAMLINE D03B-MX1' 
_diffrn_source.pdbx_synchrotron_site       LNLS 
_diffrn_source.pdbx_synchrotron_beamline   D03B-MX1 
_diffrn_source.pdbx_wavelength             ? 
_diffrn_source.pdbx_wavelength_list        1.427 
# 
_reflns.entry_id                     2ERW 
_reflns.observed_criterion_sigma_I   0 
_reflns.observed_criterion_sigma_F   0 
_reflns.d_resolution_low             40.00 
_reflns.d_resolution_high            1.40 
_reflns.number_obs                   13618 
_reflns.number_all                   13756 
_reflns.percent_possible_obs         99.0 
_reflns.pdbx_Rmerge_I_obs            0.037 
_reflns.pdbx_Rsym_value              ? 
_reflns.pdbx_netI_over_sigmaI        52.5 
_reflns.B_iso_Wilson_estimate        15.315 
_reflns.pdbx_redundancy              7.1 
_reflns.R_free_details               ? 
_reflns.limit_h_max                  ? 
_reflns.limit_h_min                  ? 
_reflns.limit_k_max                  ? 
_reflns.limit_k_min                  ? 
_reflns.limit_l_max                  ? 
_reflns.limit_l_min                  ? 
_reflns.observed_criterion_F_max     ? 
_reflns.observed_criterion_F_min     ? 
_reflns.pdbx_chi_squared             ? 
_reflns.pdbx_scaling_rejects         ? 
_reflns.pdbx_ordinal                 1 
_reflns.pdbx_diffrn_id               1 
# 
_reflns_shell.d_res_high             1.40 
_reflns_shell.d_res_low              1.45 
_reflns_shell.percent_possible_all   91.0 
_reflns_shell.Rmerge_I_obs           0.367 
_reflns_shell.pdbx_Rsym_value        ? 
_reflns_shell.meanI_over_sigI_obs    5.7 
_reflns_shell.pdbx_redundancy        5.3 
_reflns_shell.percent_possible_obs   ? 
_reflns_shell.number_unique_all      1229 
_reflns_shell.number_measured_all    ? 
_reflns_shell.number_measured_obs    ? 
_reflns_shell.number_unique_obs      ? 
_reflns_shell.pdbx_chi_squared       ? 
_reflns_shell.pdbx_ordinal           1 
_reflns_shell.pdbx_diffrn_id         1 
# 
_refine.entry_id                                 2ERW 
_refine.ls_number_reflns_obs                     13574 
_refine.ls_number_reflns_all                     13610 
_refine.pdbx_ls_sigma_I                          ? 
_refine.pdbx_ls_sigma_F                          0 
_refine.pdbx_data_cutoff_high_absF               ? 
_refine.pdbx_data_cutoff_low_absF                ? 
_refine.pdbx_data_cutoff_high_rms_absF           ? 
_refine.ls_d_res_low                             35.71 
_refine.ls_d_res_high                            1.40 
_refine.ls_percent_reflns_obs                    99.75 
_refine.ls_R_factor_obs                          0.1806 
_refine.ls_R_factor_all                          0.1806 
_refine.ls_R_factor_R_work                       0.18014 
_refine.ls_R_factor_R_free                       0.1895 
_refine.ls_R_factor_R_free_error                 ? 
_refine.ls_R_factor_R_free_error_details         ? 
_refine.ls_percent_reflns_R_free                 5.0 
_refine.ls_number_reflns_R_free                  676 
_refine.ls_number_parameters                     ? 
_refine.ls_number_restraints                     ? 
_refine.occupancy_min                            ? 
_refine.occupancy_max                            ? 
_refine.correlation_coeff_Fo_to_Fc               0.961 
_refine.correlation_coeff_Fo_to_Fc_free          0.962 
_refine.B_iso_mean                               24.051 
_refine.aniso_B[1][1]                            0.03 
_refine.aniso_B[2][2]                            0.21 
_refine.aniso_B[3][3]                            -0.24 
_refine.aniso_B[1][2]                            0.00 
_refine.aniso_B[1][3]                            0.00 
_refine.aniso_B[2][3]                            0.00 
_refine.solvent_model_details                    'BABINET MODEL WITH MASK' 
_refine.solvent_model_param_ksol                 ? 
_refine.solvent_model_param_bsol                 ? 
_refine.pdbx_solvent_vdw_probe_radii             1.20 
_refine.pdbx_solvent_ion_probe_radii             0.80 
_refine.pdbx_solvent_shrinkage_radii             0.80 
_refine.pdbx_ls_cross_valid_method               THROUGHOUT 
_refine.details                                  
;SIMULATED ANNEALING WAS PERFORMED WITH THE CNS SOFTWARE IN THE FIRST CYCLE OF REFINEMENT. TLS APPLIED USING THE PROTEIN MODEL AS ONE GROUP. Close contacts in remark 500 are related to the alternate conformations of the CYS 6 region close to the N-terminus and CYS 31. The alternate conformation of the N-terminus is not modelled due to the weak electron density.
;
_refine.pdbx_starting_model                      'PDB ENTRY 1TBR' 
_refine.pdbx_method_to_determine_struct          'MOLECULAR REPLACEMENT' 
_refine.pdbx_isotropic_thermal_model             Isotropic 
_refine.pdbx_stereochemistry_target_values       'MAXIMUM LIKELIHOOD' 
_refine.pdbx_stereochem_target_val_spec_case     ? 
_refine.pdbx_R_Free_selection_details            RANDOM 
_refine.pdbx_overall_ESU_R                       0.055 
_refine.pdbx_overall_ESU_R_Free                  0.053 
_refine.overall_SU_ML                            0.034 
_refine.overall_SU_B                             1.712 
_refine.ls_redundancy_reflns_obs                 ? 
_refine.B_iso_min                                ? 
_refine.B_iso_max                                ? 
_refine.overall_SU_R_Cruickshank_DPI             ? 
_refine.overall_SU_R_free                        ? 
_refine.ls_wR_factor_R_free                      ? 
_refine.ls_wR_factor_R_work                      ? 
_refine.overall_FOM_free_R_set                   ? 
_refine.overall_FOM_work_R_set                   ? 
_refine.pdbx_refine_id                           'X-RAY DIFFRACTION' 
_refine.pdbx_TLS_residual_ADP_flag               'LIKELY RESIDUAL' 
_refine.pdbx_diffrn_id                           1 
_refine.pdbx_overall_phase_error                 ? 
_refine.pdbx_overall_SU_R_free_Cruickshank_DPI   ? 
_refine.pdbx_overall_SU_R_Blow_DPI               ? 
_refine.pdbx_overall_SU_R_free_Blow_DPI          ? 
# 
_refine_hist.pdbx_refine_id                   'X-RAY DIFFRACTION' 
_refine_hist.cycle_id                         LAST 
_refine_hist.pdbx_number_atoms_protein        402 
_refine_hist.pdbx_number_atoms_nucleic_acid   0 
_refine_hist.pdbx_number_atoms_ligand         0 
_refine_hist.number_atoms_solvent             74 
_refine_hist.number_atoms_total               476 
_refine_hist.d_res_high                       1.40 
_refine_hist.d_res_low                        35.71 
# 
loop_
_refine_ls_restr.type 
_refine_ls_restr.dev_ideal 
_refine_ls_restr.dev_ideal_target 
_refine_ls_restr.weight 
_refine_ls_restr.number 
_refine_ls_restr.pdbx_refine_id 
_refine_ls_restr.pdbx_restraint_function 
r_bond_refined_d         0.014  0.022  ? 432 'X-RAY DIFFRACTION' ? 
r_angle_refined_deg      1.486  1.968  ? 582 'X-RAY DIFFRACTION' ? 
r_dihedral_angle_1_deg   5.936  5.000  ? 52  'X-RAY DIFFRACTION' ? 
r_dihedral_angle_2_deg   35.224 23.810 ? 21  'X-RAY DIFFRACTION' ? 
r_dihedral_angle_3_deg   14.454 15.000 ? 79  'X-RAY DIFFRACTION' ? 
r_dihedral_angle_4_deg   15.321 15.000 ? 4   'X-RAY DIFFRACTION' ? 
r_chiral_restr           0.083  0.200  ? 59  'X-RAY DIFFRACTION' ? 
r_gen_planes_refined     0.008  0.020  ? 332 'X-RAY DIFFRACTION' ? 
r_nbd_refined            0.244  0.200  ? 212 'X-RAY DIFFRACTION' ? 
r_nbtor_refined          0.322  0.200  ? 308 'X-RAY DIFFRACTION' ? 
r_xyhbond_nbd_refined    0.127  0.200  ? 91  'X-RAY DIFFRACTION' ? 
r_symmetry_vdw_refined   0.177  0.200  ? 44  'X-RAY DIFFRACTION' ? 
r_symmetry_hbond_refined 0.146  0.200  ? 8   'X-RAY DIFFRACTION' ? 
r_mcbond_it              0.740  1.500  ? 269 'X-RAY DIFFRACTION' ? 
r_mcangle_it             1.219  2.000  ? 430 'X-RAY DIFFRACTION' ? 
r_scbond_it              1.764  3.000  ? 178 'X-RAY DIFFRACTION' ? 
r_scangle_it             2.954  4.500  ? 152 'X-RAY DIFFRACTION' ? 
# 
_refine_ls_shell.pdbx_total_number_of_bins_used   20 
_refine_ls_shell.d_res_high                       1.403 
_refine_ls_shell.d_res_low                        1.439 
_refine_ls_shell.number_reflns_R_work             904 
_refine_ls_shell.R_factor_R_work                  0.329 
_refine_ls_shell.percent_reflns_obs               97.96 
_refine_ls_shell.R_factor_R_free                  0.38 
_refine_ls_shell.R_factor_R_free_error            ? 
_refine_ls_shell.percent_reflns_R_free            ? 
_refine_ls_shell.number_reflns_R_free             55 
_refine_ls_shell.number_reflns_obs                904 
_refine_ls_shell.redundancy_reflns_obs            ? 
_refine_ls_shell.number_reflns_all                ? 
_refine_ls_shell.R_factor_all                     ? 
_refine_ls_shell.pdbx_refine_id                   'X-RAY DIFFRACTION' 
# 
_struct.entry_id                  2ERW 
_struct.title                     'Crystal Structure of Infestin 4, a factor XIIa inhibitor' 
_struct.pdbx_model_details        ? 
_struct.pdbx_CASP_flag            ? 
_struct.pdbx_model_type_details   ? 
# 
_struct_keywords.entry_id        2ERW 
_struct_keywords.pdbx_keywords   'BLOOD CLOTTING, HYDROLASE INHIBITOR' 
_struct_keywords.text            'Kazal type domain, BLOOD CLOTTING, HYDROLASE INHIBITOR' 
# 
loop_
_struct_asym.id 
_struct_asym.pdbx_blank_PDB_chainid_flag 
_struct_asym.pdbx_modified 
_struct_asym.entity_id 
_struct_asym.details 
A N N 1 ? 
B N N 2 ? 
# 
_struct_ref.id                         1 
_struct_ref.db_name                    UNP 
_struct_ref.db_code                    Q95P16_TRIIF 
_struct_ref.pdbx_db_accession          Q95P16 
_struct_ref.entity_id                  1 
_struct_ref.pdbx_align_begin           167 
_struct_ref.pdbx_db_isoform            ? 
_struct_ref.pdbx_seq_one_letter_code   ? 
# 
_struct_ref_seq.align_id                      1 
_struct_ref_seq.ref_id                        1 
_struct_ref_seq.pdbx_PDB_id_code              2ERW 
_struct_ref_seq.pdbx_strand_id                A 
_struct_ref_seq.seq_align_beg                 1 
_struct_ref_seq.pdbx_seq_align_beg_ins_code   ? 
_struct_ref_seq.seq_align_end                 56 
_struct_ref_seq.pdbx_seq_align_end_ins_code   ? 
_struct_ref_seq.pdbx_db_accession             Q95P16 
_struct_ref_seq.db_align_beg                  167 
_struct_ref_seq.pdbx_db_align_beg_ins_code    ? 
_struct_ref_seq.db_align_end                  222 
_struct_ref_seq.pdbx_db_align_end_ins_code    ? 
_struct_ref_seq.pdbx_auth_seq_align_beg       1 
_struct_ref_seq.pdbx_auth_seq_align_end       56 
# 
_pdbx_struct_assembly.id                   1 
_pdbx_struct_assembly.details              author_defined_assembly 
_pdbx_struct_assembly.method_details       ? 
_pdbx_struct_assembly.oligomeric_details   monomeric 
_pdbx_struct_assembly.oligomeric_count     1 
# 
_pdbx_struct_assembly_gen.assembly_id       1 
_pdbx_struct_assembly_gen.oper_expression   1 
_pdbx_struct_assembly_gen.asym_id_list      A,B 
# 
_pdbx_struct_oper_list.id                   1 
_pdbx_struct_oper_list.type                 'identity operation' 
_pdbx_struct_oper_list.name                 1_555 
_pdbx_struct_oper_list.symmetry_operation   x,y,z 
_pdbx_struct_oper_list.matrix[1][1]         1.0000000000 
_pdbx_struct_oper_list.matrix[1][2]         0.0000000000 
_pdbx_struct_oper_list.matrix[1][3]         0.0000000000 
_pdbx_struct_oper_list.vector[1]            0.0000000000 
_pdbx_struct_oper_list.matrix[2][1]         0.0000000000 
_pdbx_struct_oper_list.matrix[2][2]         1.0000000000 
_pdbx_struct_oper_list.matrix[2][3]         0.0000000000 
_pdbx_struct_oper_list.vector[2]            0.0000000000 
_pdbx_struct_oper_list.matrix[3][1]         0.0000000000 
_pdbx_struct_oper_list.matrix[3][2]         0.0000000000 
_pdbx_struct_oper_list.matrix[3][3]         1.0000000000 
_pdbx_struct_oper_list.vector[3]            0.0000000000 
# 
_struct_biol.id                    1 
_struct_biol.details               'Asymmetric unit content is the biological assembly.' 
_struct_biol.pdbx_parent_biol_id   ? 
# 
_struct_conf.conf_type_id            HELX_P 
_struct_conf.id                      HELX_P1 
_struct_conf.pdbx_PDB_helix_id       1 
_struct_conf.beg_label_comp_id       ASN 
_struct_conf.beg_label_asym_id       A 
_struct_conf.beg_label_seq_id        25 
_struct_conf.pdbx_beg_PDB_ins_code   ? 
_struct_conf.end_label_comp_id       LYS 
_struct_conf.end_label_asym_id       A 
_struct_conf.end_label_seq_id        36 
_struct_conf.pdbx_end_PDB_ins_code   ? 
_struct_conf.beg_auth_comp_id        ASN 
_struct_conf.beg_auth_asym_id        A 
_struct_conf.beg_auth_seq_id         25 
_struct_conf.end_auth_comp_id        LYS 
_struct_conf.end_auth_asym_id        A 
_struct_conf.end_auth_seq_id         36 
_struct_conf.pdbx_PDB_helix_class    1 
_struct_conf.details                 ? 
_struct_conf.pdbx_PDB_helix_length   12 
# 
_struct_conf_type.id          HELX_P 
_struct_conf_type.criteria    ? 
_struct_conf_type.reference   ? 
# 
loop_
_struct_conn.id 
_struct_conn.conn_type_id 
_struct_conn.pdbx_leaving_atom_flag 
_struct_conn.pdbx_PDB_id 
_struct_conn.ptnr1_label_asym_id 
_struct_conn.ptnr1_label_comp_id 
_struct_conn.ptnr1_label_seq_id 
_struct_conn.ptnr1_label_atom_id 
_struct_conn.pdbx_ptnr1_label_alt_id 
_struct_conn.pdbx_ptnr1_PDB_ins_code 
_struct_conn.pdbx_ptnr1_standard_comp_id 
_struct_conn.ptnr1_symmetry 
_struct_conn.ptnr2_label_asym_id 
_struct_conn.ptnr2_label_comp_id 
_struct_conn.ptnr2_label_seq_id 
_struct_conn.ptnr2_label_atom_id 
_struct_conn.pdbx_ptnr2_label_alt_id 
_struct_conn.pdbx_ptnr2_PDB_ins_code 
_struct_conn.ptnr1_auth_asym_id 
_struct_conn.ptnr1_auth_comp_id 
_struct_conn.ptnr1_auth_seq_id 
_struct_conn.ptnr2_auth_asym_id 
_struct_conn.ptnr2_auth_comp_id 
_struct_conn.ptnr2_auth_seq_id 
_struct_conn.ptnr2_symmetry 
_struct_conn.pdbx_ptnr3_label_atom_id 
_struct_conn.pdbx_ptnr3_label_seq_id 
_struct_conn.pdbx_ptnr3_label_comp_id 
_struct_conn.pdbx_ptnr3_label_asym_id 
_struct_conn.pdbx_ptnr3_label_alt_id 
_struct_conn.pdbx_ptnr3_PDB_ins_code 
_struct_conn.details 
_struct_conn.pdbx_dist_value 
_struct_conn.pdbx_value_order 
_struct_conn.pdbx_role 
disulf1 disulf ? ? A CYS 6  SG ? ? ? 1_555 A CYS 31 SG A ? A CYS 6  A CYS 31 1_555 ? ? ? ? ? ? ? 2.013 ? ? 
disulf2 disulf ? ? A CYS 6  SG ? ? ? 1_555 A CYS 31 SG B ? A CYS 6  A CYS 31 1_555 ? ? ? ? ? ? ? 2.985 ? ? 
disulf3 disulf ? ? A CYS 8  SG ? ? ? 1_555 A CYS 27 SG ? ? A CYS 8  A CYS 27 1_555 ? ? ? ? ? ? ? 2.046 ? ? 
disulf4 disulf ? ? A CYS 16 SG ? ? ? 1_555 A CYS 48 SG ? ? A CYS 16 A CYS 48 1_555 ? ? ? ? ? ? ? 2.035 ? ? 
# 
_struct_conn_type.id          disulf 
_struct_conn_type.criteria    ? 
_struct_conn_type.reference   ? 
# 
loop_
_pdbx_modification_feature.ordinal 
_pdbx_modification_feature.label_comp_id 
_pdbx_modification_feature.label_asym_id 
_pdbx_modification_feature.label_seq_id 
_pdbx_modification_feature.label_alt_id 
_pdbx_modification_feature.modified_residue_label_comp_id 
_pdbx_modification_feature.modified_residue_label_asym_id 
_pdbx_modification_feature.modified_residue_label_seq_id 
_pdbx_modification_feature.modified_residue_label_alt_id 
_pdbx_modification_feature.auth_comp_id 
_pdbx_modification_feature.auth_asym_id 
_pdbx_modification_feature.auth_seq_id 
_pdbx_modification_feature.PDB_ins_code 
_pdbx_modification_feature.symmetry 
_pdbx_modification_feature.modified_residue_auth_comp_id 
_pdbx_modification_feature.modified_residue_auth_asym_id 
_pdbx_modification_feature.modified_residue_auth_seq_id 
_pdbx_modification_feature.modified_residue_PDB_ins_code 
_pdbx_modification_feature.modified_residue_symmetry 
_pdbx_modification_feature.comp_id_linking_atom 
_pdbx_modification_feature.modified_residue_id_linking_atom 
_pdbx_modification_feature.modified_residue_id 
_pdbx_modification_feature.ref_pcm_id 
_pdbx_modification_feature.ref_comp_id 
_pdbx_modification_feature.type 
_pdbx_modification_feature.category 
1 CYS A 6  ? CYS A 31 A CYS A 6  ? 1_555 CYS A 31 ? 1_555 SG SG . . . None 'Disulfide bridge' 
2 CYS A 6  ? CYS A 31 B CYS A 6  ? 1_555 CYS A 31 ? 1_555 SG SG . . . None 'Disulfide bridge' 
3 CYS A 8  ? CYS A 27 ? CYS A 8  ? 1_555 CYS A 27 ? 1_555 SG SG . . . None 'Disulfide bridge' 
4 CYS A 16 ? CYS A 48 ? CYS A 16 ? 1_555 CYS A 48 ? 1_555 SG SG . . . None 'Disulfide bridge' 
# 
_struct_sheet.id               A 
_struct_sheet.type             ? 
_struct_sheet.number_strands   3 
_struct_sheet.details          ? 
# 
loop_
_struct_sheet_order.sheet_id 
_struct_sheet_order.range_id_1 
_struct_sheet_order.range_id_2 
_struct_sheet_order.offset 
_struct_sheet_order.sense 
A 1 2 ? anti-parallel 
A 2 3 ? anti-parallel 
# 
loop_
_struct_sheet_range.sheet_id 
_struct_sheet_range.id 
_struct_sheet_range.beg_label_comp_id 
_struct_sheet_range.beg_label_asym_id 
_struct_sheet_range.beg_label_seq_id 
_struct_sheet_range.pdbx_beg_PDB_ins_code 
_struct_sheet_range.end_label_comp_id 
_struct_sheet_range.end_label_asym_id 
_struct_sheet_range.end_label_seq_id 
_struct_sheet_range.pdbx_end_PDB_ins_code 
_struct_sheet_range.beg_auth_comp_id 
_struct_sheet_range.beg_auth_asym_id 
_struct_sheet_range.beg_auth_seq_id 
_struct_sheet_range.end_auth_comp_id 
_struct_sheet_range.end_auth_asym_id 
_struct_sheet_range.end_auth_seq_id 
A 1 THR A 22 ? TYR A 23 ? THR A 22 TYR A 23 
A 2 VAL A 15 ? GLY A 17 ? VAL A 15 GLY A 17 
A 3 LEU A 42 ? GLU A 45 ? LEU A 42 GLU A 45 
# 
loop_
_pdbx_struct_sheet_hbond.sheet_id 
_pdbx_struct_sheet_hbond.range_id_1 
_pdbx_struct_sheet_hbond.range_id_2 
_pdbx_struct_sheet_hbond.range_1_label_atom_id 
_pdbx_struct_sheet_hbond.range_1_label_comp_id 
_pdbx_struct_sheet_hbond.range_1_label_asym_id 
_pdbx_struct_sheet_hbond.range_1_label_seq_id 
_pdbx_struct_sheet_hbond.range_1_PDB_ins_code 
_pdbx_struct_sheet_hbond.range_1_auth_atom_id 
_pdbx_struct_sheet_hbond.range_1_auth_comp_id 
_pdbx_struct_sheet_hbond.range_1_auth_asym_id 
_pdbx_struct_sheet_hbond.range_1_auth_seq_id 
_pdbx_struct_sheet_hbond.range_2_label_atom_id 
_pdbx_struct_sheet_hbond.range_2_label_comp_id 
_pdbx_struct_sheet_hbond.range_2_label_asym_id 
_pdbx_struct_sheet_hbond.range_2_label_seq_id 
_pdbx_struct_sheet_hbond.range_2_PDB_ins_code 
_pdbx_struct_sheet_hbond.range_2_auth_atom_id 
_pdbx_struct_sheet_hbond.range_2_auth_comp_id 
_pdbx_struct_sheet_hbond.range_2_auth_asym_id 
_pdbx_struct_sheet_hbond.range_2_auth_seq_id 
A 1 2 O TYR A 23 ? O TYR A 23 N VAL A 15 ? N VAL A 15 
A 2 3 N CYS A 16 ? N CYS A 16 O HIS A 44 ? O HIS A 44 
# 
_pdbx_entry_details.entry_id                   2ERW 
_pdbx_entry_details.compound_details           ? 
_pdbx_entry_details.source_details             ? 
_pdbx_entry_details.nonpolymer_details         ? 
_pdbx_entry_details.sequence_details           ? 
_pdbx_entry_details.has_ligand_of_interest     ? 
_pdbx_entry_details.has_protein_modification   Y 
# 
_pdbx_validate_torsion.id              1 
_pdbx_validate_torsion.PDB_model_num   1 
_pdbx_validate_torsion.auth_comp_id    VAL 
_pdbx_validate_torsion.auth_asym_id    A 
_pdbx_validate_torsion.auth_seq_id     53 
_pdbx_validate_torsion.PDB_ins_code    ? 
_pdbx_validate_torsion.label_alt_id    ? 
_pdbx_validate_torsion.phi             -135.77 
_pdbx_validate_torsion.psi             -65.10 
# 
_pdbx_refine_tls.id               1 
_pdbx_refine_tls.details          ? 
_pdbx_refine_tls.method           refined 
_pdbx_refine_tls.origin_x         0.2475 
_pdbx_refine_tls.origin_y         0.0810 
_pdbx_refine_tls.origin_z         0.5530 
_pdbx_refine_tls.T[1][1]          -0.1650 
_pdbx_refine_tls.T[2][2]          -0.1521 
_pdbx_refine_tls.T[3][3]          -0.1431 
_pdbx_refine_tls.T[1][2]          -0.0076 
_pdbx_refine_tls.T[1][3]          0.0016 
_pdbx_refine_tls.T[2][3]          0.0200 
_pdbx_refine_tls.L[1][1]          3.4877 
_pdbx_refine_tls.L[2][2]          2.1169 
_pdbx_refine_tls.L[3][3]          3.2471 
_pdbx_refine_tls.L[1][2]          -0.5744 
_pdbx_refine_tls.L[1][3]          0.2181 
_pdbx_refine_tls.L[2][3]          -0.7707 
_pdbx_refine_tls.S[1][1]          0.0660 
_pdbx_refine_tls.S[1][2]          0.0158 
_pdbx_refine_tls.S[1][3]          -0.1551 
_pdbx_refine_tls.S[2][1]          -0.0039 
_pdbx_refine_tls.S[2][2]          -0.0147 
_pdbx_refine_tls.S[2][3]          0.1848 
_pdbx_refine_tls.S[3][1]          0.0481 
_pdbx_refine_tls.S[3][2]          -0.1578 
_pdbx_refine_tls.S[3][3]          -0.0513 
_pdbx_refine_tls.pdbx_refine_id   'X-RAY DIFFRACTION' 
# 
_pdbx_refine_tls_group.id                  1 
_pdbx_refine_tls_group.refine_tls_id       1 
_pdbx_refine_tls_group.beg_auth_asym_id    A 
_pdbx_refine_tls_group.beg_auth_seq_id     4 
_pdbx_refine_tls_group.beg_label_asym_id   A 
_pdbx_refine_tls_group.beg_label_seq_id    4 
_pdbx_refine_tls_group.end_auth_asym_id    A 
_pdbx_refine_tls_group.end_auth_seq_id     56 
_pdbx_refine_tls_group.end_label_asym_id   A 
_pdbx_refine_tls_group.end_label_seq_id    56 
_pdbx_refine_tls_group.selection           ? 
_pdbx_refine_tls_group.pdbx_refine_id      'X-RAY DIFFRACTION' 
_pdbx_refine_tls_group.selection_details   ? 
# 
loop_
_pdbx_unobs_or_zero_occ_residues.id 
_pdbx_unobs_or_zero_occ_residues.PDB_model_num 
_pdbx_unobs_or_zero_occ_residues.polymer_flag 
_pdbx_unobs_or_zero_occ_residues.occupancy_flag 
_pdbx_unobs_or_zero_occ_residues.auth_asym_id 
_pdbx_unobs_or_zero_occ_residues.auth_comp_id 
_pdbx_unobs_or_zero_occ_residues.auth_seq_id 
_pdbx_unobs_or_zero_occ_residues.PDB_ins_code 
_pdbx_unobs_or_zero_occ_residues.label_asym_id 
_pdbx_unobs_or_zero_occ_residues.label_comp_id 
_pdbx_unobs_or_zero_occ_residues.label_seq_id 
1 1 Y 1 A GLU 1 ? A GLU 1 
2 1 Y 1 A VAL 2 ? A VAL 2 
3 1 Y 1 A ARG 3 ? A ARG 3 
# 
loop_
_chem_comp_atom.comp_id 
_chem_comp_atom.atom_id 
_chem_comp_atom.type_symbol 
_chem_comp_atom.pdbx_aromatic_flag 
_chem_comp_atom.pdbx_stereo_config 
_chem_comp_atom.pdbx_ordinal 
ALA N    N N N 1   
ALA CA   C N S 2   
ALA C    C N N 3   
ALA O    O N N 4   
ALA CB   C N N 5   
ALA OXT  O N N 6   
ALA H    H N N 7   
ALA H2   H N N 8   
ALA HA   H N N 9   
ALA HB1  H N N 10  
ALA HB2  H N N 11  
ALA HB3  H N N 12  
ALA HXT  H N N 13  
ARG N    N N N 14  
ARG CA   C N S 15  
ARG C    C N N 16  
ARG O    O N N 17  
ARG CB   C N N 18  
ARG CG   C N N 19  
ARG CD   C N N 20  
ARG NE   N N N 21  
ARG CZ   C N N 22  
ARG NH1  N N N 23  
ARG NH2  N N N 24  
ARG OXT  O N N 25  
ARG H    H N N 26  
ARG H2   H N N 27  
ARG HA   H N N 28  
ARG HB2  H N N 29  
ARG HB3  H N N 30  
ARG HG2  H N N 31  
ARG HG3  H N N 32  
ARG HD2  H N N 33  
ARG HD3  H N N 34  
ARG HE   H N N 35  
ARG HH11 H N N 36  
ARG HH12 H N N 37  
ARG HH21 H N N 38  
ARG HH22 H N N 39  
ARG HXT  H N N 40  
ASN N    N N N 41  
ASN CA   C N S 42  
ASN C    C N N 43  
ASN O    O N N 44  
ASN CB   C N N 45  
ASN CG   C N N 46  
ASN OD1  O N N 47  
ASN ND2  N N N 48  
ASN OXT  O N N 49  
ASN H    H N N 50  
ASN H2   H N N 51  
ASN HA   H N N 52  
ASN HB2  H N N 53  
ASN HB3  H N N 54  
ASN HD21 H N N 55  
ASN HD22 H N N 56  
ASN HXT  H N N 57  
ASP N    N N N 58  
ASP CA   C N S 59  
ASP C    C N N 60  
ASP O    O N N 61  
ASP CB   C N N 62  
ASP CG   C N N 63  
ASP OD1  O N N 64  
ASP OD2  O N N 65  
ASP OXT  O N N 66  
ASP H    H N N 67  
ASP H2   H N N 68  
ASP HA   H N N 69  
ASP HB2  H N N 70  
ASP HB3  H N N 71  
ASP HD2  H N N 72  
ASP HXT  H N N 73  
CYS N    N N N 74  
CYS CA   C N R 75  
CYS C    C N N 76  
CYS O    O N N 77  
CYS CB   C N N 78  
CYS SG   S N N 79  
CYS OXT  O N N 80  
CYS H    H N N 81  
CYS H2   H N N 82  
CYS HA   H N N 83  
CYS HB2  H N N 84  
CYS HB3  H N N 85  
CYS HG   H N N 86  
CYS HXT  H N N 87  
GLN N    N N N 88  
GLN CA   C N S 89  
GLN C    C N N 90  
GLN O    O N N 91  
GLN CB   C N N 92  
GLN CG   C N N 93  
GLN CD   C N N 94  
GLN OE1  O N N 95  
GLN NE2  N N N 96  
GLN OXT  O N N 97  
GLN H    H N N 98  
GLN H2   H N N 99  
GLN HA   H N N 100 
GLN HB2  H N N 101 
GLN HB3  H N N 102 
GLN HG2  H N N 103 
GLN HG3  H N N 104 
GLN HE21 H N N 105 
GLN HE22 H N N 106 
GLN HXT  H N N 107 
GLU N    N N N 108 
GLU CA   C N S 109 
GLU C    C N N 110 
GLU O    O N N 111 
GLU CB   C N N 112 
GLU CG   C N N 113 
GLU CD   C N N 114 
GLU OE1  O N N 115 
GLU OE2  O N N 116 
GLU OXT  O N N 117 
GLU H    H N N 118 
GLU H2   H N N 119 
GLU HA   H N N 120 
GLU HB2  H N N 121 
GLU HB3  H N N 122 
GLU HG2  H N N 123 
GLU HG3  H N N 124 
GLU HE2  H N N 125 
GLU HXT  H N N 126 
GLY N    N N N 127 
GLY CA   C N N 128 
GLY C    C N N 129 
GLY O    O N N 130 
GLY OXT  O N N 131 
GLY H    H N N 132 
GLY H2   H N N 133 
GLY HA2  H N N 134 
GLY HA3  H N N 135 
GLY HXT  H N N 136 
HIS N    N N N 137 
HIS CA   C N S 138 
HIS C    C N N 139 
HIS O    O N N 140 
HIS CB   C N N 141 
HIS CG   C Y N 142 
HIS ND1  N Y N 143 
HIS CD2  C Y N 144 
HIS CE1  C Y N 145 
HIS NE2  N Y N 146 
HIS OXT  O N N 147 
HIS H    H N N 148 
HIS H2   H N N 149 
HIS HA   H N N 150 
HIS HB2  H N N 151 
HIS HB3  H N N 152 
HIS HD1  H N N 153 
HIS HD2  H N N 154 
HIS HE1  H N N 155 
HIS HE2  H N N 156 
HIS HXT  H N N 157 
HOH O    O N N 158 
HOH H1   H N N 159 
HOH H2   H N N 160 
LEU N    N N N 161 
LEU CA   C N S 162 
LEU C    C N N 163 
LEU O    O N N 164 
LEU CB   C N N 165 
LEU CG   C N N 166 
LEU CD1  C N N 167 
LEU CD2  C N N 168 
LEU OXT  O N N 169 
LEU H    H N N 170 
LEU H2   H N N 171 
LEU HA   H N N 172 
LEU HB2  H N N 173 
LEU HB3  H N N 174 
LEU HG   H N N 175 
LEU HD11 H N N 176 
LEU HD12 H N N 177 
LEU HD13 H N N 178 
LEU HD21 H N N 179 
LEU HD22 H N N 180 
LEU HD23 H N N 181 
LEU HXT  H N N 182 
LYS N    N N N 183 
LYS CA   C N S 184 
LYS C    C N N 185 
LYS O    O N N 186 
LYS CB   C N N 187 
LYS CG   C N N 188 
LYS CD   C N N 189 
LYS CE   C N N 190 
LYS NZ   N N N 191 
LYS OXT  O N N 192 
LYS H    H N N 193 
LYS H2   H N N 194 
LYS HA   H N N 195 
LYS HB2  H N N 196 
LYS HB3  H N N 197 
LYS HG2  H N N 198 
LYS HG3  H N N 199 
LYS HD2  H N N 200 
LYS HD3  H N N 201 
LYS HE2  H N N 202 
LYS HE3  H N N 203 
LYS HZ1  H N N 204 
LYS HZ2  H N N 205 
LYS HZ3  H N N 206 
LYS HXT  H N N 207 
MET N    N N N 208 
MET CA   C N S 209 
MET C    C N N 210 
MET O    O N N 211 
MET CB   C N N 212 
MET CG   C N N 213 
MET SD   S N N 214 
MET CE   C N N 215 
MET OXT  O N N 216 
MET H    H N N 217 
MET H2   H N N 218 
MET HA   H N N 219 
MET HB2  H N N 220 
MET HB3  H N N 221 
MET HG2  H N N 222 
MET HG3  H N N 223 
MET HE1  H N N 224 
MET HE2  H N N 225 
MET HE3  H N N 226 
MET HXT  H N N 227 
PHE N    N N N 228 
PHE CA   C N S 229 
PHE C    C N N 230 
PHE O    O N N 231 
PHE CB   C N N 232 
PHE CG   C Y N 233 
PHE CD1  C Y N 234 
PHE CD2  C Y N 235 
PHE CE1  C Y N 236 
PHE CE2  C Y N 237 
PHE CZ   C Y N 238 
PHE OXT  O N N 239 
PHE H    H N N 240 
PHE H2   H N N 241 
PHE HA   H N N 242 
PHE HB2  H N N 243 
PHE HB3  H N N 244 
PHE HD1  H N N 245 
PHE HD2  H N N 246 
PHE HE1  H N N 247 
PHE HE2  H N N 248 
PHE HZ   H N N 249 
PHE HXT  H N N 250 
PRO N    N N N 251 
PRO CA   C N S 252 
PRO C    C N N 253 
PRO O    O N N 254 
PRO CB   C N N 255 
PRO CG   C N N 256 
PRO CD   C N N 257 
PRO OXT  O N N 258 
PRO H    H N N 259 
PRO HA   H N N 260 
PRO HB2  H N N 261 
PRO HB3  H N N 262 
PRO HG2  H N N 263 
PRO HG3  H N N 264 
PRO HD2  H N N 265 
PRO HD3  H N N 266 
PRO HXT  H N N 267 
SER N    N N N 268 
SER CA   C N S 269 
SER C    C N N 270 
SER O    O N N 271 
SER CB   C N N 272 
SER OG   O N N 273 
SER OXT  O N N 274 
SER H    H N N 275 
SER H2   H N N 276 
SER HA   H N N 277 
SER HB2  H N N 278 
SER HB3  H N N 279 
SER HG   H N N 280 
SER HXT  H N N 281 
THR N    N N N 282 
THR CA   C N S 283 
THR C    C N N 284 
THR O    O N N 285 
THR CB   C N R 286 
THR OG1  O N N 287 
THR CG2  C N N 288 
THR OXT  O N N 289 
THR H    H N N 290 
THR H2   H N N 291 
THR HA   H N N 292 
THR HB   H N N 293 
THR HG1  H N N 294 
THR HG21 H N N 295 
THR HG22 H N N 296 
THR HG23 H N N 297 
THR HXT  H N N 298 
TYR N    N N N 299 
TYR CA   C N S 300 
TYR C    C N N 301 
TYR O    O N N 302 
TYR CB   C N N 303 
TYR CG   C Y N 304 
TYR CD1  C Y N 305 
TYR CD2  C Y N 306 
TYR CE1  C Y N 307 
TYR CE2  C Y N 308 
TYR CZ   C Y N 309 
TYR OH   O N N 310 
TYR OXT  O N N 311 
TYR H    H N N 312 
TYR H2   H N N 313 
TYR HA   H N N 314 
TYR HB2  H N N 315 
TYR HB3  H N N 316 
TYR HD1  H N N 317 
TYR HD2  H N N 318 
TYR HE1  H N N 319 
TYR HE2  H N N 320 
TYR HH   H N N 321 
TYR HXT  H N N 322 
VAL N    N N N 323 
VAL CA   C N S 324 
VAL C    C N N 325 
VAL O    O N N 326 
VAL CB   C N N 327 
VAL CG1  C N N 328 
VAL CG2  C N N 329 
VAL OXT  O N N 330 
VAL H    H N N 331 
VAL H2   H N N 332 
VAL HA   H N N 333 
VAL HB   H N N 334 
VAL HG11 H N N 335 
VAL HG12 H N N 336 
VAL HG13 H N N 337 
VAL HG21 H N N 338 
VAL HG22 H N N 339 
VAL HG23 H N N 340 
VAL HXT  H N N 341 
# 
loop_
_chem_comp_bond.comp_id 
_chem_comp_bond.atom_id_1 
_chem_comp_bond.atom_id_2 
_chem_comp_bond.value_order 
_chem_comp_bond.pdbx_aromatic_flag 
_chem_comp_bond.pdbx_stereo_config 
_chem_comp_bond.pdbx_ordinal 
ALA N   CA   sing N N 1   
ALA N   H    sing N N 2   
ALA N   H2   sing N N 3   
ALA CA  C    sing N N 4   
ALA CA  CB   sing N N 5   
ALA CA  HA   sing N N 6   
ALA C   O    doub N N 7   
ALA C   OXT  sing N N 8   
ALA CB  HB1  sing N N 9   
ALA CB  HB2  sing N N 10  
ALA CB  HB3  sing N N 11  
ALA OXT HXT  sing N N 12  
ARG N   CA   sing N N 13  
ARG N   H    sing N N 14  
ARG N   H2   sing N N 15  
ARG CA  C    sing N N 16  
ARG CA  CB   sing N N 17  
ARG CA  HA   sing N N 18  
ARG C   O    doub N N 19  
ARG C   OXT  sing N N 20  
ARG CB  CG   sing N N 21  
ARG CB  HB2  sing N N 22  
ARG CB  HB3  sing N N 23  
ARG CG  CD   sing N N 24  
ARG CG  HG2  sing N N 25  
ARG CG  HG3  sing N N 26  
ARG CD  NE   sing N N 27  
ARG CD  HD2  sing N N 28  
ARG CD  HD3  sing N N 29  
ARG NE  CZ   sing N N 30  
ARG NE  HE   sing N N 31  
ARG CZ  NH1  sing N N 32  
ARG CZ  NH2  doub N N 33  
ARG NH1 HH11 sing N N 34  
ARG NH1 HH12 sing N N 35  
ARG NH2 HH21 sing N N 36  
ARG NH2 HH22 sing N N 37  
ARG OXT HXT  sing N N 38  
ASN N   CA   sing N N 39  
ASN N   H    sing N N 40  
ASN N   H2   sing N N 41  
ASN CA  C    sing N N 42  
ASN CA  CB   sing N N 43  
ASN CA  HA   sing N N 44  
ASN C   O    doub N N 45  
ASN C   OXT  sing N N 46  
ASN CB  CG   sing N N 47  
ASN CB  HB2  sing N N 48  
ASN CB  HB3  sing N N 49  
ASN CG  OD1  doub N N 50  
ASN CG  ND2  sing N N 51  
ASN ND2 HD21 sing N N 52  
ASN ND2 HD22 sing N N 53  
ASN OXT HXT  sing N N 54  
ASP N   CA   sing N N 55  
ASP N   H    sing N N 56  
ASP N   H2   sing N N 57  
ASP CA  C    sing N N 58  
ASP CA  CB   sing N N 59  
ASP CA  HA   sing N N 60  
ASP C   O    doub N N 61  
ASP C   OXT  sing N N 62  
ASP CB  CG   sing N N 63  
ASP CB  HB2  sing N N 64  
ASP CB  HB3  sing N N 65  
ASP CG  OD1  doub N N 66  
ASP CG  OD2  sing N N 67  
ASP OD2 HD2  sing N N 68  
ASP OXT HXT  sing N N 69  
CYS N   CA   sing N N 70  
CYS N   H    sing N N 71  
CYS N   H2   sing N N 72  
CYS CA  C    sing N N 73  
CYS CA  CB   sing N N 74  
CYS CA  HA   sing N N 75  
CYS C   O    doub N N 76  
CYS C   OXT  sing N N 77  
CYS CB  SG   sing N N 78  
CYS CB  HB2  sing N N 79  
CYS CB  HB3  sing N N 80  
CYS SG  HG   sing N N 81  
CYS OXT HXT  sing N N 82  
GLN N   CA   sing N N 83  
GLN N   H    sing N N 84  
GLN N   H2   sing N N 85  
GLN CA  C    sing N N 86  
GLN CA  CB   sing N N 87  
GLN CA  HA   sing N N 88  
GLN C   O    doub N N 89  
GLN C   OXT  sing N N 90  
GLN CB  CG   sing N N 91  
GLN CB  HB2  sing N N 92  
GLN CB  HB3  sing N N 93  
GLN CG  CD   sing N N 94  
GLN CG  HG2  sing N N 95  
GLN CG  HG3  sing N N 96  
GLN CD  OE1  doub N N 97  
GLN CD  NE2  sing N N 98  
GLN NE2 HE21 sing N N 99  
GLN NE2 HE22 sing N N 100 
GLN OXT HXT  sing N N 101 
GLU N   CA   sing N N 102 
GLU N   H    sing N N 103 
GLU N   H2   sing N N 104 
GLU CA  C    sing N N 105 
GLU CA  CB   sing N N 106 
GLU CA  HA   sing N N 107 
GLU C   O    doub N N 108 
GLU C   OXT  sing N N 109 
GLU CB  CG   sing N N 110 
GLU CB  HB2  sing N N 111 
GLU CB  HB3  sing N N 112 
GLU CG  CD   sing N N 113 
GLU CG  HG2  sing N N 114 
GLU CG  HG3  sing N N 115 
GLU CD  OE1  doub N N 116 
GLU CD  OE2  sing N N 117 
GLU OE2 HE2  sing N N 118 
GLU OXT HXT  sing N N 119 
GLY N   CA   sing N N 120 
GLY N   H    sing N N 121 
GLY N   H2   sing N N 122 
GLY CA  C    sing N N 123 
GLY CA  HA2  sing N N 124 
GLY CA  HA3  sing N N 125 
GLY C   O    doub N N 126 
GLY C   OXT  sing N N 127 
GLY OXT HXT  sing N N 128 
HIS N   CA   sing N N 129 
HIS N   H    sing N N 130 
HIS N   H2   sing N N 131 
HIS CA  C    sing N N 132 
HIS CA  CB   sing N N 133 
HIS CA  HA   sing N N 134 
HIS C   O    doub N N 135 
HIS C   OXT  sing N N 136 
HIS CB  CG   sing N N 137 
HIS CB  HB2  sing N N 138 
HIS CB  HB3  sing N N 139 
HIS CG  ND1  sing Y N 140 
HIS CG  CD2  doub Y N 141 
HIS ND1 CE1  doub Y N 142 
HIS ND1 HD1  sing N N 143 
HIS CD2 NE2  sing Y N 144 
HIS CD2 HD2  sing N N 145 
HIS CE1 NE2  sing Y N 146 
HIS CE1 HE1  sing N N 147 
HIS NE2 HE2  sing N N 148 
HIS OXT HXT  sing N N 149 
HOH O   H1   sing N N 150 
HOH O   H2   sing N N 151 
LEU N   CA   sing N N 152 
LEU N   H    sing N N 153 
LEU N   H2   sing N N 154 
LEU CA  C    sing N N 155 
LEU CA  CB   sing N N 156 
LEU CA  HA   sing N N 157 
LEU C   O    doub N N 158 
LEU C   OXT  sing N N 159 
LEU CB  CG   sing N N 160 
LEU CB  HB2  sing N N 161 
LEU CB  HB3  sing N N 162 
LEU CG  CD1  sing N N 163 
LEU CG  CD2  sing N N 164 
LEU CG  HG   sing N N 165 
LEU CD1 HD11 sing N N 166 
LEU CD1 HD12 sing N N 167 
LEU CD1 HD13 sing N N 168 
LEU CD2 HD21 sing N N 169 
LEU CD2 HD22 sing N N 170 
LEU CD2 HD23 sing N N 171 
LEU OXT HXT  sing N N 172 
LYS N   CA   sing N N 173 
LYS N   H    sing N N 174 
LYS N   H2   sing N N 175 
LYS CA  C    sing N N 176 
LYS CA  CB   sing N N 177 
LYS CA  HA   sing N N 178 
LYS C   O    doub N N 179 
LYS C   OXT  sing N N 180 
LYS CB  CG   sing N N 181 
LYS CB  HB2  sing N N 182 
LYS CB  HB3  sing N N 183 
LYS CG  CD   sing N N 184 
LYS CG  HG2  sing N N 185 
LYS CG  HG3  sing N N 186 
LYS CD  CE   sing N N 187 
LYS CD  HD2  sing N N 188 
LYS CD  HD3  sing N N 189 
LYS CE  NZ   sing N N 190 
LYS CE  HE2  sing N N 191 
LYS CE  HE3  sing N N 192 
LYS NZ  HZ1  sing N N 193 
LYS NZ  HZ2  sing N N 194 
LYS NZ  HZ3  sing N N 195 
LYS OXT HXT  sing N N 196 
MET N   CA   sing N N 197 
MET N   H    sing N N 198 
MET N   H2   sing N N 199 
MET CA  C    sing N N 200 
MET CA  CB   sing N N 201 
MET CA  HA   sing N N 202 
MET C   O    doub N N 203 
MET C   OXT  sing N N 204 
MET CB  CG   sing N N 205 
MET CB  HB2  sing N N 206 
MET CB  HB3  sing N N 207 
MET CG  SD   sing N N 208 
MET CG  HG2  sing N N 209 
MET CG  HG3  sing N N 210 
MET SD  CE   sing N N 211 
MET CE  HE1  sing N N 212 
MET CE  HE2  sing N N 213 
MET CE  HE3  sing N N 214 
MET OXT HXT  sing N N 215 
PHE N   CA   sing N N 216 
PHE N   H    sing N N 217 
PHE N   H2   sing N N 218 
PHE CA  C    sing N N 219 
PHE CA  CB   sing N N 220 
PHE CA  HA   sing N N 221 
PHE C   O    doub N N 222 
PHE C   OXT  sing N N 223 
PHE CB  CG   sing N N 224 
PHE CB  HB2  sing N N 225 
PHE CB  HB3  sing N N 226 
PHE CG  CD1  doub Y N 227 
PHE CG  CD2  sing Y N 228 
PHE CD1 CE1  sing Y N 229 
PHE CD1 HD1  sing N N 230 
PHE CD2 CE2  doub Y N 231 
PHE CD2 HD2  sing N N 232 
PHE CE1 CZ   doub Y N 233 
PHE CE1 HE1  sing N N 234 
PHE CE2 CZ   sing Y N 235 
PHE CE2 HE2  sing N N 236 
PHE CZ  HZ   sing N N 237 
PHE OXT HXT  sing N N 238 
PRO N   CA   sing N N 239 
PRO N   CD   sing N N 240 
PRO N   H    sing N N 241 
PRO CA  C    sing N N 242 
PRO CA  CB   sing N N 243 
PRO CA  HA   sing N N 244 
PRO C   O    doub N N 245 
PRO C   OXT  sing N N 246 
PRO CB  CG   sing N N 247 
PRO CB  HB2  sing N N 248 
PRO CB  HB3  sing N N 249 
PRO CG  CD   sing N N 250 
PRO CG  HG2  sing N N 251 
PRO CG  HG3  sing N N 252 
PRO CD  HD2  sing N N 253 
PRO CD  HD3  sing N N 254 
PRO OXT HXT  sing N N 255 
SER N   CA   sing N N 256 
SER N   H    sing N N 257 
SER N   H2   sing N N 258 
SER CA  C    sing N N 259 
SER CA  CB   sing N N 260 
SER CA  HA   sing N N 261 
SER C   O    doub N N 262 
SER C   OXT  sing N N 263 
SER CB  OG   sing N N 264 
SER CB  HB2  sing N N 265 
SER CB  HB3  sing N N 266 
SER OG  HG   sing N N 267 
SER OXT HXT  sing N N 268 
THR N   CA   sing N N 269 
THR N   H    sing N N 270 
THR N   H2   sing N N 271 
THR CA  C    sing N N 272 
THR CA  CB   sing N N 273 
THR CA  HA   sing N N 274 
THR C   O    doub N N 275 
THR C   OXT  sing N N 276 
THR CB  OG1  sing N N 277 
THR CB  CG2  sing N N 278 
THR CB  HB   sing N N 279 
THR OG1 HG1  sing N N 280 
THR CG2 HG21 sing N N 281 
THR CG2 HG22 sing N N 282 
THR CG2 HG23 sing N N 283 
THR OXT HXT  sing N N 284 
TYR N   CA   sing N N 285 
TYR N   H    sing N N 286 
TYR N   H2   sing N N 287 
TYR CA  C    sing N N 288 
TYR CA  CB   sing N N 289 
TYR CA  HA   sing N N 290 
TYR C   O    doub N N 291 
TYR C   OXT  sing N N 292 
TYR CB  CG   sing N N 293 
TYR CB  HB2  sing N N 294 
TYR CB  HB3  sing N N 295 
TYR CG  CD1  doub Y N 296 
TYR CG  CD2  sing Y N 297 
TYR CD1 CE1  sing Y N 298 
TYR CD1 HD1  sing N N 299 
TYR CD2 CE2  doub Y N 300 
TYR CD2 HD2  sing N N 301 
TYR CE1 CZ   doub Y N 302 
TYR CE1 HE1  sing N N 303 
TYR CE2 CZ   sing Y N 304 
TYR CE2 HE2  sing N N 305 
TYR CZ  OH   sing N N 306 
TYR OH  HH   sing N N 307 
TYR OXT HXT  sing N N 308 
VAL N   CA   sing N N 309 
VAL N   H    sing N N 310 
VAL N   H2   sing N N 311 
VAL CA  C    sing N N 312 
VAL CA  CB   sing N N 313 
VAL CA  HA   sing N N 314 
VAL C   O    doub N N 315 
VAL C   OXT  sing N N 316 
VAL CB  CG1  sing N N 317 
VAL CB  CG2  sing N N 318 
VAL CB  HB   sing N N 319 
VAL CG1 HG11 sing N N 320 
VAL CG1 HG12 sing N N 321 
VAL CG1 HG13 sing N N 322 
VAL CG2 HG21 sing N N 323 
VAL CG2 HG22 sing N N 324 
VAL CG2 HG23 sing N N 325 
VAL OXT HXT  sing N N 326 
# 
_pdbx_initial_refinement_model.id               1 
_pdbx_initial_refinement_model.entity_id_list   ? 
_pdbx_initial_refinement_model.type             'experimental model' 
_pdbx_initial_refinement_model.source_name      PDB 
_pdbx_initial_refinement_model.accession_code   1TBR 
_pdbx_initial_refinement_model.details          'PDB ENTRY 1TBR' 
# 
_atom_sites.entry_id                    2ERW 
_atom_sites.fract_transf_matrix[1][1]   -0.01231527 
_atom_sites.fract_transf_matrix[1][2]   -0.01847167 
_atom_sites.fract_transf_matrix[1][3]   0.03183556 
_atom_sites.fract_transf_matrix[2][1]   0.02027776 
_atom_sites.fract_transf_matrix[2][2]   -0.00801870 
_atom_sites.fract_transf_matrix[2][3]   0.00319163 
_atom_sites.fract_transf_matrix[3][1]   0.00404315 
_atom_sites.fract_transf_matrix[3][2]   0.01410412 
_atom_sites.fract_transf_matrix[3][3]   0.00974756 
_atom_sites.fract_transf_vector[1]      0.485015 
_atom_sites.fract_transf_vector[2]      0.160276 
_atom_sites.fract_transf_vector[3]      0.431309 
# 
loop_
_atom_type.symbol 
C 
N 
O 
S 
# 
loop_
_atom_site.group_PDB 
_atom_site.id 
_atom_site.type_symbol 
_atom_site.label_atom_id 
_atom_site.label_alt_id 
_atom_site.label_comp_id 
_atom_site.label_asym_id 
_atom_site.label_entity_id 
_atom_site.label_seq_id 
_atom_site.pdbx_PDB_ins_code 
_atom_site.Cartn_x 
_atom_site.Cartn_y 
_atom_site.Cartn_z 
_atom_site.occupancy 
_atom_site.B_iso_or_equiv 
_atom_site.pdbx_formal_charge 
_atom_site.auth_seq_id 
_atom_site.auth_comp_id 
_atom_site.auth_asym_id 
_atom_site.auth_atom_id 
_atom_site.pdbx_PDB_model_num 
ATOM   1   N N   . ASN A 1 4  ? 2.192   -13.603 -10.789 0.50 29.13 ? 4   ASN A N   1 
ATOM   2   C CA  . ASN A 1 4  ? 1.371   -13.443 -9.556  0.50 28.98 ? 4   ASN A CA  1 
ATOM   3   C C   . ASN A 1 4  ? 1.559   -12.058 -8.943  0.50 28.84 ? 4   ASN A C   1 
ATOM   4   O O   . ASN A 1 4  ? 2.683   -11.637 -8.657  0.50 28.81 ? 4   ASN A O   1 
ATOM   5   C CB  . ASN A 1 4  ? 1.707   -14.545 -8.538  0.50 29.00 ? 4   ASN A CB  1 
ATOM   6   C CG  . ASN A 1 4  ? 0.733   -14.592 -7.358  0.50 29.27 ? 4   ASN A CG  1 
ATOM   7   O OD1 . ASN A 1 4  ? -0.084  -13.688 -7.160  0.50 29.07 ? 4   ASN A OD1 1 
ATOM   8   N ND2 . ASN A 1 4  ? 0.831   -15.648 -6.563  0.50 29.28 ? 4   ASN A ND2 1 
ATOM   9   N N   . PRO A 1 5  ? 0.446   -11.343 -8.729  0.50 28.70 ? 5   PRO A N   1 
ATOM   10  C CA  . PRO A 1 5  ? 0.485   -9.994  -8.172  0.50 28.47 ? 5   PRO A CA  1 
ATOM   11  C C   . PRO A 1 5  ? 0.784   -9.990  -6.679  0.50 28.07 ? 5   PRO A C   1 
ATOM   12  O O   . PRO A 1 5  ? 1.209   -8.963  -6.134  0.50 28.04 ? 5   PRO A O   1 
ATOM   13  C CB  . PRO A 1 5  ? -0.938  -9.468  -8.407  0.50 28.66 ? 5   PRO A CB  1 
ATOM   14  C CG  . PRO A 1 5  ? -1.655  -10.510 -9.203  0.50 28.68 ? 5   PRO A CG  1 
ATOM   15  C CD  . PRO A 1 5  ? -0.927  -11.792 -9.004  0.50 28.61 ? 5   PRO A CD  1 
ATOM   16  N N   . CYS A 1 6  ? 0.566   -11.133 -6.033  0.75 27.68 ? 6   CYS A N   1 
ATOM   17  C CA  . CYS A 1 6  ? 0.715   -11.261 -4.584  0.75 27.33 ? 6   CYS A CA  1 
ATOM   18  C C   . CYS A 1 6  ? 1.972   -12.009 -4.172  0.75 26.18 ? 6   CYS A C   1 
ATOM   19  O O   . CYS A 1 6  ? 2.202   -12.282 -2.996  0.75 26.59 ? 6   CYS A O   1 
ATOM   20  C CB  . CYS A 1 6  ? -0.525  -11.914 -4.004  0.75 27.33 ? 6   CYS A CB  1 
ATOM   21  S SG  . CYS A 1 6  ? -1.927  -10.862 -4.307  0.75 30.11 ? 6   CYS A SG  1 
ATOM   22  N N   . ALA A 1 7  ? 2.789   -12.302 -5.165  1.00 25.10 ? 7   ALA A N   1 
ATOM   23  C CA  . ALA A 1 7  ? 4.095   -12.859 -4.940  1.00 23.74 ? 7   ALA A CA  1 
ATOM   24  C C   . ALA A 1 7  ? 4.976   -11.662 -4.671  1.00 21.96 ? 7   ALA A C   1 
ATOM   25  O O   . ALA A 1 7  ? 5.499   -11.058 -5.598  1.00 22.38 ? 7   ALA A O   1 
ATOM   26  C CB  . ALA A 1 7  ? 4.556   -13.575 -6.171  1.00 24.43 ? 7   ALA A CB  1 
ATOM   27  N N   . CYS A 1 8  ? 5.092   -11.287 -3.406  1.00 20.27 ? 8   CYS A N   1 
ATOM   28  C CA  . CYS A 1 8  ? 5.882   -10.114 -3.049  1.00 19.53 ? 8   CYS A CA  1 
ATOM   29  C C   . CYS A 1 8  ? 6.773   -10.434 -1.900  1.00 19.24 ? 8   CYS A C   1 
ATOM   30  O O   . CYS A 1 8  ? 6.435   -11.250 -1.044  1.00 20.54 ? 8   CYS A O   1 
ATOM   31  C CB  . CYS A 1 8  ? 4.991   -8.977  -2.607  1.00 19.55 ? 8   CYS A CB  1 
ATOM   32  S SG  . CYS A 1 8  ? 3.826   -8.453  -3.825  1.00 21.21 ? 8   CYS A SG  1 
ATOM   33  N N   . PHE A 1 9  ? 7.924   -9.783  -1.875  1.00 18.26 ? 9   PHE A N   1 
ATOM   34  C CA  . PHE A 1 9  ? 8.742   -9.804  -0.689  1.00 19.34 ? 9   PHE A CA  1 
ATOM   35  C C   . PHE A 1 9  ? 8.225   -8.765  0.264   1.00 19.65 ? 9   PHE A C   1 
ATOM   36  O O   . PHE A 1 9  ? 7.376   -7.977  -0.086  1.00 20.14 ? 9   PHE A O   1 
ATOM   37  C CB  . PHE A 1 9  ? 10.205  -9.584  -1.044  1.00 18.97 ? 9   PHE A CB  1 
ATOM   38  C CG  . PHE A 1 9  ? 10.804  -10.766 -1.707  1.00 19.88 ? 9   PHE A CG  1 
ATOM   39  C CD1 . PHE A 1 9  ? 10.832  -11.983 -1.050  1.00 20.33 ? 9   PHE A CD1 1 
ATOM   40  C CD2 . PHE A 1 9  ? 11.279  -10.677 -3.002  1.00 20.13 ? 9   PHE A CD2 1 
ATOM   41  C CE1 . PHE A 1 9  ? 11.346  -13.101 -1.664  1.00 19.71 ? 9   PHE A CE1 1 
ATOM   42  C CE2 . PHE A 1 9  ? 11.818  -11.795 -3.627  1.00 20.49 ? 9   PHE A CE2 1 
ATOM   43  C CZ  . PHE A 1 9  ? 11.853  -12.997 -2.955  1.00 20.97 ? 9   PHE A CZ  1 
ATOM   44  N N   . ARG A 1 10 ? 8.735   -8.795  1.487   1.00 21.20 ? 10  ARG A N   1 
ATOM   45  C CA  . ARG A 1 10 ? 8.194   -7.907  2.508   1.00 22.01 ? 10  ARG A CA  1 
ATOM   46  C C   . ARG A 1 10 ? 8.997   -6.640  2.687   1.00 22.29 ? 10  ARG A C   1 
ATOM   47  O O   . ARG A 1 10 ? 8.687   -5.846  3.556   1.00 22.72 ? 10  ARG A O   1 
ATOM   48  C CB  . ARG A 1 10 ? 8.075   -8.650  3.837   1.00 23.57 ? 10  ARG A CB  1 
ATOM   49  C CG  . ARG A 1 10 ? 7.063   -9.790  3.788   1.00 26.52 ? 10  ARG A CG  1 
ATOM   50  C CD  . ARG A 1 10 ? 6.930   -10.465 5.130   1.00 31.84 ? 10  ARG A CD  1 
ATOM   51  N NE  . ARG A 1 10 ? 6.072   -11.647 5.045   0.75 34.11 ? 10  ARG A NE  1 
ATOM   52  C CZ  . ARG A 1 10 ? 6.519   -12.900 4.979   0.75 35.50 ? 10  ARG A CZ  1 
ATOM   53  N NH1 . ARG A 1 10 ? 7.823   -13.151 4.993   0.75 36.12 ? 10  ARG A NH1 1 
ATOM   54  N NH2 . ARG A 1 10 ? 5.661   -13.908 4.905   0.75 37.14 ? 10  ARG A NH2 1 
ATOM   55  N N   . ASN A 1 11 ? 10.013  -6.433  1.856   1.00 21.82 ? 11  ASN A N   1 
ATOM   56  C CA  . ASN A 1 11 ? 10.844  -5.258  1.994   1.00 22.27 ? 11  ASN A CA  1 
ATOM   57  C C   . ASN A 1 11 ? 9.995   -4.026  2.155   1.00 22.06 ? 11  ASN A C   1 
ATOM   58  O O   . ASN A 1 11 ? 9.049   -3.799  1.399   1.00 22.97 ? 11  ASN A O   1 
ATOM   59  C CB  . ASN A 1 11 ? 11.672  -5.056  0.748   1.00 23.27 ? 11  ASN A CB  1 
ATOM   60  C CG  . ASN A 1 11 ? 12.550  -6.204  0.450   1.00 26.05 ? 11  ASN A CG  1 
ATOM   61  O OD1 . ASN A 1 11 ? 12.136  -7.354  0.464   1.00 25.95 ? 11  ASN A OD1 1 
ATOM   62  N ND2 . ASN A 1 11 ? 13.807  -5.901  0.158   1.00 31.51 ? 11  ASN A ND2 1 
ATOM   63  N N   . TYR A 1 12 ? 10.370  -3.196  3.102   1.00 21.64 ? 12  TYR A N   1 
ATOM   64  C CA  . TYR A 1 12 ? 9.533   -2.101  3.493   1.00 21.51 ? 12  TYR A CA  1 
ATOM   65  C C   . TYR A 1 12 ? 9.798   -0.897  2.634   1.00 21.93 ? 12  TYR A C   1 
ATOM   66  O O   . TYR A 1 12 ? 10.838  -0.244  2.742   1.00 22.58 ? 12  TYR A O   1 
ATOM   67  C CB  . TYR A 1 12 ? 9.777   -1.823  4.970   1.00 21.91 ? 12  TYR A CB  1 
ATOM   68  C CG  . TYR A 1 12 ? 8.900   -0.752  5.512   1.00 21.78 ? 12  TYR A CG  1 
ATOM   69  C CD1 . TYR A 1 12 ? 7.516   -0.883  5.479   1.00 21.90 ? 12  TYR A CD1 1 
ATOM   70  C CD2 . TYR A 1 12 ? 9.442   0.399   6.051   1.00 21.64 ? 12  TYR A CD2 1 
ATOM   71  C CE1 . TYR A 1 12 ? 6.701   0.096   5.970   1.00 22.40 ? 12  TYR A CE1 1 
ATOM   72  C CE2 . TYR A 1 12 ? 8.635   1.384   6.568   1.00 22.11 ? 12  TYR A CE2 1 
ATOM   73  C CZ  . TYR A 1 12 ? 7.267   1.232   6.511   1.00 22.09 ? 12  TYR A CZ  1 
ATOM   74  O OH  . TYR A 1 12 ? 6.437   2.202   6.992   1.00 22.92 ? 12  TYR A OH  1 
ATOM   75  N N   . VAL A 1 13 ? 8.836   -0.637  1.756   1.00 20.58 ? 13  VAL A N   1 
ATOM   76  C CA  . VAL A 1 13 ? 8.885   0.499   0.858   1.00 20.95 ? 13  VAL A CA  1 
ATOM   77  C C   . VAL A 1 13 ? 7.477   1.042   0.895   1.00 21.45 ? 13  VAL A C   1 
ATOM   78  O O   . VAL A 1 13 ? 6.675   0.808   -0.008  1.00 21.96 ? 13  VAL A O   1 
ATOM   79  C CB  . VAL A 1 13 ? 9.269   0.070   -0.558  1.00 20.67 ? 13  VAL A CB  1 
ATOM   80  C CG1 . VAL A 1 13 ? 9.310   1.288   -1.473  1.00 22.00 ? 13  VAL A CG1 1 
ATOM   81  C CG2 . VAL A 1 13 ? 10.618  -0.632  -0.532  1.00 21.89 ? 13  VAL A CG2 1 
ATOM   82  N N   . PRO A 1 14 ? 7.129   1.710   1.989   1.00 21.81 ? 14  PRO A N   1 
ATOM   83  C CA  . PRO A 1 14 ? 5.733   2.023   2.223   1.00 21.65 ? 14  PRO A CA  1 
ATOM   84  C C   . PRO A 1 14 ? 5.152   3.009   1.238   1.00 23.78 ? 14  PRO A C   1 
ATOM   85  O O   . PRO A 1 14 ? 5.800   3.939   0.809   1.00 22.01 ? 14  PRO A O   1 
ATOM   86  C CB  . PRO A 1 14 ? 5.712   2.654   3.605   1.00 22.29 ? 14  PRO A CB  1 
ATOM   87  C CG  . PRO A 1 14 ? 7.115   3.219   3.759   1.00 22.14 ? 14  PRO A CG  1 
ATOM   88  C CD  . PRO A 1 14 ? 8.002   2.192   3.078   1.00 21.40 ? 14  PRO A CD  1 
ATOM   89  N N   . VAL A 1 15 ? 3.975   2.648   0.762   1.00 21.65 ? 15  VAL A N   1 
ATOM   90  C CA  . VAL A 1 15 ? 3.266   3.512   -0.166  1.00 21.85 ? 15  VAL A CA  1 
ATOM   91  C C   . VAL A 1 15 ? 1.836   3.597   0.277   1.00 21.31 ? 15  VAL A C   1 
ATOM   92  O O   . VAL A 1 15 ? 1.331   2.713   0.954   1.00 21.83 ? 15  VAL A O   1 
ATOM   93  C CB  . VAL A 1 15 ? 3.370   3.008   -1.622  1.00 22.01 ? 15  VAL A CB  1 
ATOM   94  C CG1 . VAL A 1 15 ? 4.794   3.086   -2.085  1.00 23.03 ? 15  VAL A CG1 1 
ATOM   95  C CG2 . VAL A 1 15 ? 2.876   1.568   -1.764  1.00 23.27 ? 15  VAL A CG2 1 
ATOM   96  N N   . CYS A 1 16 ? 1.190   4.671   -0.122  1.00 21.18 ? 16  CYS A N   1 
ATOM   97  C CA  . CYS A 1 16 ? -0.136  4.940   0.342   1.00 21.62 ? 16  CYS A CA  1 
ATOM   98  C C   . CYS A 1 16 ? -1.095  4.699   -0.775  1.00 21.30 ? 16  CYS A C   1 
ATOM   99  O O   . CYS A 1 16 ? -0.957  5.272   -1.849  1.00 21.34 ? 16  CYS A O   1 
ATOM   100 C CB  . CYS A 1 16 ? -0.202  6.377   0.805   1.00 21.99 ? 16  CYS A CB  1 
ATOM   101 S SG  . CYS A 1 16 ? -1.833  6.830   1.373   1.00 21.91 ? 16  CYS A SG  1 
ATOM   102 N N   . GLY A 1 17 ? -2.077  3.849   -0.518  1.00 21.01 ? 17  GLY A N   1 
ATOM   103 C CA  . GLY A 1 17 ? -3.079  3.531   -1.505  1.00 21.34 ? 17  GLY A CA  1 
ATOM   104 C C   . GLY A 1 17 ? -4.223  4.521   -1.518  1.00 21.64 ? 17  GLY A C   1 
ATOM   105 O O   . GLY A 1 17 ? -4.479  5.245   -0.553  1.00 22.06 ? 17  GLY A O   1 
ATOM   106 N N   . SER A 1 18 ? -4.948  4.500   -2.622  1.00 20.86 ? 18  SER A N   1 
ATOM   107 C CA  . SER A 1 18 ? -6.090  5.356   -2.779  1.00 21.18 ? 18  SER A CA  1 
ATOM   108 C C   . SER A 1 18 ? -7.212  4.972   -1.826  1.00 21.67 ? 18  SER A C   1 
ATOM   109 O O   . SER A 1 18 ? -8.174  5.719   -1.672  1.00 22.32 ? 18  SER A O   1 
ATOM   110 C CB  . SER A 1 18 ? -6.576  5.259   -4.215  1.00 21.74 ? 18  SER A CB  1 
ATOM   111 O OG  . SER A 1 18 ? -6.809  3.912   -4.572  1.00 21.57 ? 18  SER A OG  1 
ATOM   112 N N   . ASP A 1 19 ? -7.090  3.812   -1.195  1.00 22.01 ? 19  ASP A N   1 
ATOM   113 C CA  . ASP A 1 19 ? -8.020  3.406   -0.159  1.00 22.52 ? 19  ASP A CA  1 
ATOM   114 C C   . ASP A 1 19 ? -7.665  3.976   1.203   1.00 22.53 ? 19  ASP A C   1 
ATOM   115 O O   . ASP A 1 19 ? -8.344  3.696   2.200   1.00 23.11 ? 19  ASP A O   1 
ATOM   116 C CB  . ASP A 1 19 ? -8.097  1.878   -0.084  1.00 21.20 ? 19  ASP A CB  1 
ATOM   117 C CG  . ASP A 1 19 ? -6.754  1.228   0.166   1.00 22.26 ? 19  ASP A CG  1 
ATOM   118 O OD1 . ASP A 1 19 ? -5.724  1.920   0.208   1.00 21.33 ? 19  ASP A OD1 1 
ATOM   119 O OD2 . ASP A 1 19 ? -6.757  0.002   0.340   1.00 21.96 ? 19  ASP A OD2 1 
ATOM   120 N N   . GLY A 1 20 ? -6.605  4.770   1.254   1.00 22.06 ? 20  GLY A N   1 
ATOM   121 C CA  . GLY A 1 20 ? -6.173  5.320   2.519   1.00 22.81 ? 20  GLY A CA  1 
ATOM   122 C C   . GLY A 1 20 ? -5.403  4.340   3.369   1.00 22.85 ? 20  GLY A C   1 
ATOM   123 O O   . GLY A 1 20 ? -5.129  4.622   4.520   1.00 23.76 ? 20  GLY A O   1 
ATOM   124 N N   . LYS A 1 21 ? -5.032  3.200   2.784   1.00 21.98 ? 21  LYS A N   1 
ATOM   125 C CA  . LYS A 1 21 ? -4.275  2.184   3.498   1.00 22.34 ? 21  LYS A CA  1 
ATOM   126 C C   . LYS A 1 21 ? -2.846  2.215   3.028   1.00 21.82 ? 21  LYS A C   1 
ATOM   127 O O   . LYS A 1 21 ? -2.575  2.354   1.843   1.00 21.76 ? 21  LYS A O   1 
ATOM   128 C CB  . LYS A 1 21 ? -4.848  0.805   3.214   1.00 22.78 ? 21  LYS A CB  1 
ATOM   129 C CG  . LYS A 1 21 ? -4.165  -0.326  3.921   1.00 25.63 ? 21  LYS A CG  1 
ATOM   130 C CD  . LYS A 1 21 ? -4.964  -1.601  3.772   1.00 27.01 ? 21  LYS A CD  1 
ATOM   131 C CE  . LYS A 1 21 ? -4.331  -2.747  4.531   1.00 30.43 ? 21  LYS A CE  1 
ATOM   132 N NZ  A LYS A 1 21 ? -5.209  -3.944  4.596   0.50 29.09 ? 21  LYS A NZ  1 
ATOM   133 N NZ  B LYS A 1 21 ? -4.991  -2.955  5.838   0.50 32.27 ? 21  LYS A NZ  1 
ATOM   134 N N   . THR A 1 22 ? -1.921  2.071   3.962   1.00 21.23 ? 22  THR A N   1 
ATOM   135 C CA  . THR A 1 22 ? -0.539  1.916   3.621   1.00 21.49 ? 22  THR A CA  1 
ATOM   136 C C   . THR A 1 22 ? -0.284  0.501   3.196   1.00 21.09 ? 22  THR A C   1 
ATOM   137 O O   . THR A 1 22 ? -0.769  -0.429  3.767   1.00 21.50 ? 22  THR A O   1 
ATOM   138 C CB  . THR A 1 22 ? 0.329   2.232   4.810   1.00 21.57 ? 22  THR A CB  1 
ATOM   139 O OG1 . THR A 1 22 ? 0.095   3.598   5.170   1.00 21.76 ? 22  THR A OG1 1 
ATOM   140 C CG2 . THR A 1 22 ? 1.791   2.035   4.489   1.00 23.10 ? 22  THR A CG2 1 
ATOM   141 N N   . TYR A 1 23 ? 0.492   0.373   2.136   1.00 21.19 ? 23  TYR A N   1 
ATOM   142 C CA  . TYR A 1 23 ? 0.954   -0.931  1.699   1.00 20.87 ? 23  TYR A CA  1 
ATOM   143 C C   . TYR A 1 23 ? 2.437   -1.024  1.927   1.00 20.84 ? 23  TYR A C   1 
ATOM   144 O O   . TYR A 1 23 ? 3.164   -0.038  1.790   1.00 21.65 ? 23  TYR A O   1 
ATOM   145 C CB  . TYR A 1 23 ? 0.573   -1.147  0.234   1.00 21.59 ? 23  TYR A CB  1 
ATOM   146 C CG  . TYR A 1 23 ? -0.900  -1.308  0.163   1.00 20.49 ? 23  TYR A CG  1 
ATOM   147 C CD1 . TYR A 1 23 ? -1.465  -2.553  0.331   1.00 21.27 ? 23  TYR A CD1 1 
ATOM   148 C CD2 . TYR A 1 23 ? -1.731  -0.222  0.035   1.00 20.79 ? 23  TYR A CD2 1 
ATOM   149 C CE1 . TYR A 1 23 ? -2.819  -2.724  0.341   1.00 21.35 ? 23  TYR A CE1 1 
ATOM   150 C CE2 . TYR A 1 23 ? -3.098  -0.365  0.056   1.00 20.67 ? 23  TYR A CE2 1 
ATOM   151 C CZ  . TYR A 1 23 ? -3.632  -1.631  0.192   1.00 21.03 ? 23  TYR A CZ  1 
ATOM   152 O OH  . TYR A 1 23 ? -4.976  -1.841  0.235   1.00 21.95 ? 23  TYR A OH  1 
ATOM   153 N N   . GLY A 1 24 ? 2.880   -2.221  2.252   1.00 20.66 ? 24  GLY A N   1 
ATOM   154 C CA  . GLY A 1 24 ? 4.235   -2.392  2.683   1.00 21.54 ? 24  GLY A CA  1 
ATOM   155 C C   . GLY A 1 24 ? 5.234   -2.187  1.594   1.00 21.02 ? 24  GLY A C   1 
ATOM   156 O O   . GLY A 1 24 ? 6.391   -1.943  1.882   1.00 22.70 ? 24  GLY A O   1 
ATOM   157 N N   . ASN A 1 25 ? 4.806   -2.332  0.350   1.00 20.70 ? 25  ASN A N   1 
ATOM   158 C CA  . ASN A 1 25 ? 5.609   -1.975  -0.789  1.00 20.71 ? 25  ASN A CA  1 
ATOM   159 C C   . ASN A 1 25 ? 4.680   -1.958  -1.969  1.00 20.01 ? 25  ASN A C   1 
ATOM   160 O O   . ASN A 1 25 ? 3.525   -2.345  -1.866  1.00 20.33 ? 25  ASN A O   1 
ATOM   161 C CB  . ASN A 1 25 ? 6.825   -2.888  -0.961  1.00 20.61 ? 25  ASN A CB  1 
ATOM   162 C CG  . ASN A 1 25 ? 6.460   -4.352  -1.035  1.00 20.79 ? 25  ASN A CG  1 
ATOM   163 O OD1 . ASN A 1 25 ? 5.555   -4.750  -1.761  1.00 20.58 ? 25  ASN A OD1 1 
ATOM   164 N ND2 . ASN A 1 25 ? 7.217   -5.168  -0.332  1.00 21.22 ? 25  ASN A ND2 1 
ATOM   165 N N   . PRO A 1 26 ? 5.141   -1.414  -3.082  1.00 20.07 ? 26  PRO A N   1 
ATOM   166 C CA  . PRO A 1 26 ? 4.269   -1.365  -4.229  1.00 20.17 ? 26  PRO A CA  1 
ATOM   167 C C   . PRO A 1 26 ? 3.798   -2.713  -4.713  1.00 19.74 ? 26  PRO A C   1 
ATOM   168 O O   . PRO A 1 26 ? 2.693   -2.827  -5.205  1.00 20.38 ? 26  PRO A O   1 
ATOM   169 C CB  . PRO A 1 26 ? 5.126   -0.671  -5.293  1.00 20.52 ? 26  PRO A CB  1 
ATOM   170 C CG  . PRO A 1 26 ? 6.016   0.200   -4.463  1.00 21.63 ? 26  PRO A CG  1 
ATOM   171 C CD  . PRO A 1 26 ? 6.360   -0.603  -3.252  1.00 21.25 ? 26  PRO A CD  1 
ATOM   172 N N   . CYS A 1 27 ? 4.636   -3.733  -4.585  1.00 20.16 ? 27  CYS A N   1 
ATOM   173 C CA  . CYS A 1 27 ? 4.192   -5.042  -4.987  1.00 20.35 ? 27  CYS A CA  1 
ATOM   174 C C   . CYS A 1 27 ? 2.961   -5.426  -4.190  1.00 20.39 ? 27  CYS A C   1 
ATOM   175 O O   . CYS A 1 27 ? 1.982   -5.912  -4.734  1.00 20.45 ? 27  CYS A O   1 
ATOM   176 C CB  . CYS A 1 27 ? 5.332   -6.021  -4.790  1.00 20.42 ? 27  CYS A CB  1 
ATOM   177 S SG  . CYS A 1 27 ? 4.960   -7.675  -5.340  1.00 20.45 ? 27  CYS A SG  1 
ATOM   178 N N   . MET A 1 28 ? 3.002   -5.180  -2.890  1.00 20.04 ? 28  MET A N   1 
ATOM   179 C CA  . MET A 1 28 ? 1.862   -5.527  -2.071  1.00 20.54 ? 28  MET A CA  1 
ATOM   180 C C   . MET A 1 28 ? 0.659   -4.682  -2.388  1.00 20.27 ? 28  MET A C   1 
ATOM   181 O O   . MET A 1 28 ? -0.445  -5.165  -2.310  1.00 20.87 ? 28  MET A O   1 
ATOM   182 C CB  . MET A 1 28 ? 2.216   -5.370  -0.611  1.00 20.78 ? 28  MET A CB  1 
ATOM   183 C CG  . MET A 1 28 ? 3.304   -6.308  -0.256  1.00 22.33 ? 28  MET A CG  1 
ATOM   184 S SD  A MET A 1 28 ? 2.665   -7.921  0.013   0.34 23.14 ? 28  MET A SD  1 
ATOM   185 S SD  B MET A 1 28 ? 3.470   -6.649  1.474   0.33 23.05 ? 28  MET A SD  1 
ATOM   186 S SD  C MET A 1 28 ? 3.783   -6.037  1.438   0.33 22.73 ? 28  MET A SD  1 
ATOM   187 C CE  A MET A 1 28 ? 3.992   -8.636  0.979   0.34 20.64 ? 28  MET A CE  1 
ATOM   188 C CE  B MET A 1 28 ? 4.555   -8.062  1.412   0.33 21.66 ? 28  MET A CE  1 
ATOM   189 C CE  C MET A 1 28 ? 2.350   -6.704  2.289   0.33 20.19 ? 28  MET A CE  1 
ATOM   190 N N   . LEU A 1 29 ? 0.861   -3.428  -2.761  1.00 20.51 ? 29  LEU A N   1 
ATOM   191 C CA  . LEU A 1 29 ? -0.280  -2.636  -3.192  1.00 20.70 ? 29  LEU A CA  1 
ATOM   192 C C   . LEU A 1 29 ? -0.881  -3.254  -4.429  1.00 21.69 ? 29  LEU A C   1 
ATOM   193 O O   . LEU A 1 29 ? -2.099  -3.376  -4.537  1.00 21.75 ? 29  LEU A O   1 
ATOM   194 C CB  . LEU A 1 29 ? 0.174   -1.199  -3.467  1.00 21.13 ? 29  LEU A CB  1 
ATOM   195 C CG  . LEU A 1 29 ? -0.974  -0.273  -3.859  1.00 21.55 ? 29  LEU A CG  1 
ATOM   196 C CD1 . LEU A 1 29 ? -0.698  1.103   -3.340  1.00 22.93 ? 29  LEU A CD1 1 
ATOM   197 C CD2 . LEU A 1 29 ? -1.188  -0.236  -5.366  1.00 22.68 ? 29  LEU A CD2 1 
ATOM   198 N N   . ASN A 1 30 ? -0.035  -3.656  -5.367  1.00 21.41 ? 30  ASN A N   1 
ATOM   199 C CA  . ASN A 1 30 ? -0.580  -4.252  -6.561  1.00 22.47 ? 30  ASN A CA  1 
ATOM   200 C C   . ASN A 1 30 ? -1.316  -5.533  -6.258  1.00 23.04 ? 30  ASN A C   1 
ATOM   201 O O   . ASN A 1 30 ? -2.361  -5.825  -6.837  1.00 22.92 ? 30  ASN A O   1 
ATOM   202 C CB  . ASN A 1 30 ? 0.489   -4.538  -7.577  1.00 23.15 ? 30  ASN A CB  1 
ATOM   203 C CG  . ASN A 1 30 ? -0.108  -5.066  -8.841  1.00 26.00 ? 30  ASN A CG  1 
ATOM   204 O OD1 . ASN A 1 30 ? -0.878  -4.368  -9.503  1.00 29.90 ? 30  ASN A OD1 1 
ATOM   205 N ND2 . ASN A 1 30 ? 0.148   -6.329  -9.135  1.00 27.43 ? 30  ASN A ND2 1 
ATOM   206 N N   . CYS A 1 31 ? -0.777  -6.316  -5.346  1.00 23.19 ? 31  CYS A N   1 
ATOM   207 C CA  . CYS A 1 31 ? -1.471  -7.515  -4.939  1.00 23.10 ? 31  CYS A CA  1 
ATOM   208 C C   . CYS A 1 31 ? -2.868  -7.152  -4.478  1.00 22.88 ? 31  CYS A C   1 
ATOM   209 O O   . CYS A 1 31 ? -3.842  -7.769  -4.890  1.00 22.07 ? 31  CYS A O   1 
ATOM   210 C CB  . CYS A 1 31 ? -0.720  -8.134  -3.792  1.00 23.98 ? 31  CYS A CB  1 
ATOM   211 S SG  A CYS A 1 31 ? -1.613  -9.394  -2.965  0.75 25.44 ? 31  CYS A SG  1 
ATOM   212 S SG  B CYS A 1 31 ? 0.580   -9.241  -4.267  0.25 24.46 ? 31  CYS A SG  1 
ATOM   213 N N   . ALA A 1 32 ? -2.970  -6.140  -3.626  1.00 21.92 ? 32  ALA A N   1 
ATOM   214 C CA  . ALA A 1 32 ? -4.275  -5.744  -3.123  1.00 22.18 ? 32  ALA A CA  1 
ATOM   215 C C   . ALA A 1 32 ? -5.150  -5.218  -4.255  1.00 22.03 ? 32  ALA A C   1 
ATOM   216 O O   . ALA A 1 32 ? -6.349  -5.462  -4.274  1.00 21.37 ? 32  ALA A O   1 
ATOM   217 C CB  . ALA A 1 32 ? -4.113  -4.711  -2.048  1.00 22.34 ? 32  ALA A CB  1 
ATOM   218 N N   . ALA A 1 33 ? -4.531  -4.517  -5.206  1.00 21.71 ? 33  ALA A N   1 
ATOM   219 C CA  . ALA A 1 33 ? -5.270  -3.937  -6.334  1.00 22.00 ? 33  ALA A CA  1 
ATOM   220 C C   . ALA A 1 33 ? -5.875  -5.034  -7.169  1.00 22.60 ? 33  ALA A C   1 
ATOM   221 O O   . ALA A 1 33 ? -6.917  -4.849  -7.780  1.00 21.84 ? 33  ALA A O   1 
ATOM   222 C CB  . ALA A 1 33 ? -4.354  -3.096  -7.190  1.00 22.16 ? 33  ALA A CB  1 
ATOM   223 N N   . GLN A 1 34 ? -5.215  -6.178  -7.200  1.00 22.80 ? 34  GLN A N   1 
ATOM   224 C CA  . GLN A 1 34 ? -5.662  -7.258  -8.070  1.00 23.69 ? 34  GLN A CA  1 
ATOM   225 C C   . GLN A 1 34 ? -6.600  -8.210  -7.371  1.00 23.57 ? 34  GLN A C   1 
ATOM   226 O O   . GLN A 1 34 ? -7.317  -8.960  -8.034  1.00 23.47 ? 34  GLN A O   1 
ATOM   227 C CB  . GLN A 1 34 ? -4.476  -8.043  -8.637  1.00 24.34 ? 34  GLN A CB  1 
ATOM   228 C CG  . GLN A 1 34 ? -3.497  -7.253  -9.499  1.00 26.45 ? 34  GLN A CG  1 
ATOM   229 C CD  . GLN A 1 34 ? -4.121  -6.141  -10.320 1.00 30.52 ? 34  GLN A CD  1 
ATOM   230 O OE1 . GLN A 1 34 ? -3.651  -5.004  -10.290 1.00 34.48 ? 34  GLN A OE1 1 
ATOM   231 N NE2 . GLN A 1 34 ? -5.171  -6.460  -11.065 1.00 32.26 ? 34  GLN A NE2 1 
ATOM   232 N N   . THR A 1 35 ? -6.611  -8.195  -6.041  1.00 23.89 ? 35  THR A N   1 
ATOM   233 C CA  . THR A 1 35 ? -7.302  -9.250  -5.297  1.00 24.04 ? 35  THR A CA  1 
ATOM   234 C C   . THR A 1 35 ? -8.235  -8.750  -4.203  1.00 23.64 ? 35  THR A C   1 
ATOM   235 O O   . THR A 1 35 ? -9.153  -9.455  -3.802  1.00 24.14 ? 35  THR A O   1 
ATOM   236 C CB  . THR A 1 35 ? -6.293  -10.224 -4.642  1.00 24.68 ? 35  THR A CB  1 
ATOM   237 O OG1 . THR A 1 35 ? -5.486  -9.508  -3.702  1.00 26.17 ? 35  THR A OG1 1 
ATOM   238 C CG2 . THR A 1 35 ? -5.400  -10.858 -5.690  1.00 25.51 ? 35  THR A CG2 1 
ATOM   239 N N   . LYS A 1 36 ? -7.999  -7.536  -3.716  1.00 22.99 ? 36  LYS A N   1 
ATOM   240 C CA  . LYS A 1 36 ? -8.754  -7.056  -2.570  1.00 23.10 ? 36  LYS A CA  1 
ATOM   241 C C   . LYS A 1 36 ? -9.509  -5.767  -2.791  1.00 22.14 ? 36  LYS A C   1 
ATOM   242 O O   . LYS A 1 36 ? -10.602 -5.597  -2.280  1.00 23.34 ? 36  LYS A O   1 
ATOM   243 C CB  . LYS A 1 36 ? -7.820  -6.863  -1.378  1.00 24.05 ? 36  LYS A CB  1 
ATOM   244 C CG  . LYS A 1 36 ? -7.593  -8.127  -0.583  0.75 25.36 ? 36  LYS A CG  1 
ATOM   245 C CD  . LYS A 1 36 ? -6.679  -7.816  0.589   0.25 25.09 ? 36  LYS A CD  1 
ATOM   246 C CE  . LYS A 1 36 ? -6.334  -9.046  1.398   0.25 26.24 ? 36  LYS A CE  1 
ATOM   247 N NZ  . LYS A 1 36 ? -5.293  -8.713  2.409   0.25 26.18 ? 36  LYS A NZ  1 
ATOM   248 N N   . VAL A 1 37 ? -8.898  -4.842  -3.520  1.00 21.52 ? 37  VAL A N   1 
ATOM   249 C CA  . VAL A 1 37 ? -9.439  -3.490  -3.608  1.00 20.96 ? 37  VAL A CA  1 
ATOM   250 C C   . VAL A 1 37 ? -9.465  -3.078  -5.059  1.00 19.19 ? 37  VAL A C   1 
ATOM   251 O O   . VAL A 1 37 ? -8.476  -2.570  -5.579  1.00 19.02 ? 37  VAL A O   1 
ATOM   252 C CB  . VAL A 1 37 ? -8.576  -2.484  -2.820  1.00 20.90 ? 37  VAL A CB  1 
ATOM   253 C CG1 . VAL A 1 37 ? -9.207  -1.098  -2.839  1.00 22.51 ? 37  VAL A CG1 1 
ATOM   254 C CG2 . VAL A 1 37 ? -8.347  -2.972  -1.382  1.00 23.93 ? 37  VAL A CG2 1 
ATOM   255 N N   . PRO A 1 38 ? -10.589 -3.305  -5.733  1.00 18.23 ? 38  PRO A N   1 
ATOM   256 C CA  . PRO A 1 38 ? -10.651 -2.900  -7.124  1.00 18.90 ? 38  PRO A CA  1 
ATOM   257 C C   . PRO A 1 38 ? -10.371 -1.426  -7.278  1.00 19.51 ? 38  PRO A C   1 
ATOM   258 O O   . PRO A 1 38 ? -10.910 -0.604  -6.533  1.00 20.61 ? 38  PRO A O   1 
ATOM   259 C CB  . PRO A 1 38 ? -12.096 -3.175  -7.490  1.00 18.27 ? 38  PRO A CB  1 
ATOM   260 C CG  . PRO A 1 38 ? -12.493 -4.253  -6.537  1.00 18.49 ? 38  PRO A CG  1 
ATOM   261 C CD  . PRO A 1 38 ? -11.835 -3.954  -5.281  1.00 17.92 ? 38  PRO A CD  1 
ATOM   262 N N   . GLY A 1 39 ? -9.503  -1.105  -8.225  1.00 19.94 ? 39  GLY A N   1 
ATOM   263 C CA  . GLY A 1 39 ? -9.255  0.286   -8.578  1.00 20.17 ? 39  GLY A CA  1 
ATOM   264 C C   . GLY A 1 39 ? -8.197  0.895   -7.692  1.00 20.86 ? 39  GLY A C   1 
ATOM   265 O O   . GLY A 1 39 ? -7.894  2.069   -7.808  1.00 21.41 ? 39  GLY A O   1 
ATOM   266 N N   . LEU A 1 40 ? -7.622  0.102   -6.797  1.00 19.66 ? 40  LEU A N   1 
ATOM   267 C CA  . LEU A 1 40 ? -6.633  0.630   -5.888  1.00 20.32 ? 40  LEU A CA  1 
ATOM   268 C C   . LEU A 1 40 ? -5.472  1.205   -6.659  1.00 20.79 ? 40  LEU A C   1 
ATOM   269 O O   . LEU A 1 40 ? -4.934  0.559   -7.549  1.00 21.33 ? 40  LEU A O   1 
ATOM   270 C CB  . LEU A 1 40 ? -6.118  -0.481  -4.996  1.00 20.10 ? 40  LEU A CB  1 
ATOM   271 C CG  . LEU A 1 40 ? -5.067  -0.084  -3.970  1.00 20.08 ? 40  LEU A CG  1 
ATOM   272 C CD1 . LEU A 1 40 ? -5.625  0.917   -2.995  1.00 21.93 ? 40  LEU A CD1 1 
ATOM   273 C CD2 . LEU A 1 40 ? -4.640  -1.341  -3.252  1.00 19.92 ? 40  LEU A CD2 1 
ATOM   274 N N   . LYS A 1 41 ? -5.065  2.410   -6.271  1.00 21.06 ? 41  LYS A N   1 
ATOM   275 C CA  . LYS A 1 41 ? -3.937  3.066   -6.904  1.00 21.61 ? 41  LYS A CA  1 
ATOM   276 C C   . LYS A 1 41 ? -2.958  3.500   -5.861  1.00 21.56 ? 41  LYS A C   1 
ATOM   277 O O   . LYS A 1 41 ? -3.303  3.764   -4.726  1.00 21.45 ? 41  LYS A O   1 
ATOM   278 C CB  . LYS A 1 41 ? -4.394  4.326   -7.628  1.00 22.76 ? 41  LYS A CB  1 
ATOM   279 C CG  . LYS A 1 41 ? -5.425  4.083   -8.720  1.00 25.77 ? 41  LYS A CG  1 
ATOM   280 C CD  . LYS A 1 41 ? -4.781  3.353   -9.881  1.00 30.12 ? 41  LYS A CD  1 
ATOM   281 C CE  . LYS A 1 41 ? -5.578  3.522   -11.165 0.75 32.56 ? 41  LYS A CE  1 
ATOM   282 N NZ  . LYS A 1 41 ? -4.818  2.897   -12.282 0.75 34.86 ? 41  LYS A NZ  1 
ATOM   283 N N   . LEU A 1 42 ? -1.712  3.608   -6.282  1.00 21.35 ? 42  LEU A N   1 
ATOM   284 C CA  . LEU A 1 42 ? -0.665  4.115   -5.434  1.00 21.27 ? 42  LEU A CA  1 
ATOM   285 C C   . LEU A 1 42 ? -0.737  5.619   -5.532  1.00 21.45 ? 42  LEU A C   1 
ATOM   286 O O   . LEU A 1 42 ? -0.493  6.192   -6.602  1.00 22.25 ? 42  LEU A O   1 
ATOM   287 C CB  . LEU A 1 42 ? 0.668   3.578   -5.932  1.00 20.98 ? 42  LEU A CB  1 
ATOM   288 C CG  . LEU A 1 42 ? 1.838   3.663   -4.979  1.00 21.44 ? 42  LEU A CG  1 
ATOM   289 C CD1 . LEU A 1 42 ? 2.951   2.878   -5.605  1.00 22.58 ? 42  LEU A CD1 1 
ATOM   290 C CD2 . LEU A 1 42 ? 2.277   5.097   -4.727  1.00 24.16 ? 42  LEU A CD2 1 
ATOM   291 N N   . VAL A 1 43 ? -1.103  6.267   -4.438  1.00 21.72 ? 43  VAL A N   1 
ATOM   292 C CA  . VAL A 1 43 ? -1.301  7.706   -4.492  1.00 22.16 ? 43  VAL A CA  1 
ATOM   293 C C   . VAL A 1 43 ? -0.105  8.527   -4.076  1.00 21.28 ? 43  VAL A C   1 
ATOM   294 O O   . VAL A 1 43 ? 0.110   9.615   -4.604  1.00 21.22 ? 43  VAL A O   1 
ATOM   295 C CB  . VAL A 1 43 ? -2.593  8.139   -3.764  1.00 23.74 ? 43  VAL A CB  1 
ATOM   296 C CG1 A VAL A 1 43 ? -3.788  7.431   -4.356  0.75 25.47 ? 43  VAL A CG1 1 
ATOM   297 C CG1 B VAL A 1 43 ? -2.511  9.578   -3.238  0.25 21.02 ? 43  VAL A CG1 1 
ATOM   298 C CG2 A VAL A 1 43 ? -2.509  7.907   -2.317  0.75 24.84 ? 43  VAL A CG2 1 
ATOM   299 C CG2 B VAL A 1 43 ? -3.787  7.985   -4.708  0.25 22.15 ? 43  VAL A CG2 1 
ATOM   300 N N   . HIS A 1 44 ? 0.685   8.018   -3.144  1.00 21.24 ? 44  HIS A N   1 
ATOM   301 C CA  . HIS A 1 44 ? 1.928   8.688   -2.855  1.00 20.96 ? 44  HIS A CA  1 
ATOM   302 C C   . HIS A 1 44 ? 2.879   7.760   -2.182  1.00 20.94 ? 44  HIS A C   1 
ATOM   303 O O   . HIS A 1 44 ? 2.483   6.755   -1.615  1.00 21.03 ? 44  HIS A O   1 
ATOM   304 C CB  . HIS A 1 44 ? 1.725   9.978   -2.044  1.00 21.43 ? 44  HIS A CB  1 
ATOM   305 C CG  . HIS A 1 44 ? 1.189   9.779   -0.660  1.00 20.66 ? 44  HIS A CG  1 
ATOM   306 N ND1 . HIS A 1 44 ? 1.961   9.303   0.379   1.00 21.76 ? 44  HIS A ND1 1 
ATOM   307 C CD2 . HIS A 1 44 ? -0.028  10.051  -0.134  1.00 21.03 ? 44  HIS A CD2 1 
ATOM   308 C CE1 . HIS A 1 44 ? 1.240   9.295   1.490   1.00 22.13 ? 44  HIS A CE1 1 
ATOM   309 N NE2 . HIS A 1 44 ? 0.029   9.739   1.203   1.00 21.51 ? 44  HIS A NE2 1 
ATOM   310 N N   . GLU A 1 45 ? 4.144   8.109   -2.258  1.00 20.67 ? 45  GLU A N   1 
ATOM   311 C CA  . GLU A 1 45 ? 5.163   7.393   -1.592  1.00 20.61 ? 45  GLU A CA  1 
ATOM   312 C C   . GLU A 1 45 ? 5.020   7.585   -0.101  1.00 21.19 ? 45  GLU A C   1 
ATOM   313 O O   . GLU A 1 45 ? 4.574   8.634   0.355   1.00 21.19 ? 45  GLU A O   1 
ATOM   314 C CB  . GLU A 1 45 ? 6.504   7.940   -2.060  1.00 21.03 ? 45  GLU A CB  1 
ATOM   315 C CG  . GLU A 1 45 ? 7.650   7.029   -1.750  1.00 19.90 ? 45  GLU A CG  1 
ATOM   316 C CD  . GLU A 1 45 ? 7.593   5.804   -2.605  1.00 21.47 ? 45  GLU A CD  1 
ATOM   317 O OE1 . GLU A 1 45 ? 6.846   5.911   -3.598  1.00 24.31 ? 45  GLU A OE1 1 
ATOM   318 O OE2 . GLU A 1 45 ? 8.255   4.794   -2.249  1.00 21.46 ? 45  GLU A OE2 1 
ATOM   319 N N   . GLY A 1 46 ? 5.445   6.591   0.645   1.00 20.84 ? 46  GLY A N   1 
ATOM   320 C CA  . GLY A 1 46 ? 5.439   6.696   2.093   1.00 21.17 ? 46  GLY A CA  1 
ATOM   321 C C   . GLY A 1 46 ? 4.134   6.215   2.654   1.00 22.05 ? 46  GLY A C   1 
ATOM   322 O O   . GLY A 1 46 ? 3.188   5.927   1.935   1.00 22.12 ? 46  GLY A O   1 
ATOM   323 N N   . ARG A 1 47 ? 4.077   6.140   3.972   1.00 21.79 ? 47  ARG A N   1 
ATOM   324 C CA  . ARG A 1 47 ? 2.838   5.721   4.585   1.00 21.43 ? 47  ARG A CA  1 
ATOM   325 C C   . ARG A 1 47 ? 1.741   6.732   4.363   1.00 22.10 ? 47  ARG A C   1 
ATOM   326 O O   . ARG A 1 47 ? 1.997   7.927   4.238   1.00 22.02 ? 47  ARG A O   1 
ATOM   327 C CB  . ARG A 1 47 ? 3.012   5.570   6.092   1.00 22.03 ? 47  ARG A CB  1 
ATOM   328 C CG  . ARG A 1 47 ? 4.143   4.653   6.482   1.00 21.81 ? 47  ARG A CG  1 
ATOM   329 C CD  . ARG A 1 47 ? 3.964   4.194   7.930   1.00 21.07 ? 47  ARG A CD  1 
ATOM   330 N NE  . ARG A 1 47 ? 2.755   3.385   8.051   1.00 20.53 ? 47  ARG A NE  1 
ATOM   331 C CZ  . ARG A 1 47 ? 2.727   2.065   7.890   1.00 20.98 ? 47  ARG A CZ  1 
ATOM   332 N NH1 . ARG A 1 47 ? 3.836   1.386   7.641   1.00 21.69 ? 47  ARG A NH1 1 
ATOM   333 N NH2 . ARG A 1 47 ? 1.575   1.431   7.977   1.00 20.65 ? 47  ARG A NH2 1 
ATOM   334 N N   . CYS A 1 48 ? 0.500   6.251   4.360   1.00 21.86 ? 48  CYS A N   1 
ATOM   335 C CA  . CYS A 1 48 ? -0.598  7.176   4.395   1.00 22.35 ? 48  CYS A CA  1 
ATOM   336 C C   . CYS A 1 48 ? -0.476  8.013   5.634   1.00 22.96 ? 48  CYS A C   1 
ATOM   337 O O   . CYS A 1 48 ? 0.061   7.582   6.641   1.00 22.18 ? 48  CYS A O   1 
ATOM   338 C CB  . CYS A 1 48 ? -1.915  6.449   4.398   1.00 22.72 ? 48  CYS A CB  1 
ATOM   339 S SG  . CYS A 1 48 ? -2.183  5.529   2.898   1.00 22.96 ? 48  CYS A SG  1 
ATOM   340 N N   . GLN A 1 49 ? -0.963  9.237   5.534   1.00 23.38 ? 49  GLN A N   1 
ATOM   341 C CA  . GLN A 1 49 ? -0.882  10.160  6.640   1.00 24.53 ? 49  GLN A CA  1 
ATOM   342 C C   . GLN A 1 49 ? -2.069  9.943   7.556   1.00 24.18 ? 49  GLN A C   1 
ATOM   343 O O   . GLN A 1 49 ? -3.225  10.100  7.169   1.00 24.67 ? 49  GLN A O   1 
ATOM   344 C CB  . GLN A 1 49 ? -0.798  11.594  6.106   1.00 25.63 ? 49  GLN A CB  1 
ATOM   345 C CG  . GLN A 1 49 ? 0.544   11.891  5.422   1.00 29.23 ? 49  GLN A CG  1 
ATOM   346 C CD  . GLN A 1 49 ? 1.729   12.065  6.381   1.00 33.89 ? 49  GLN A CD  1 
ATOM   347 O OE1 . GLN A 1 49 ? 2.815   11.511  6.156   1.00 37.01 ? 49  GLN A OE1 1 
ATOM   348 N NE2 . GLN A 1 49 ? 1.533   12.845  7.436   1.00 35.88 ? 49  GLN A NE2 1 
ATOM   349 N N   . ARG A 1 50 ? -1.772  9.556   8.795   1.00 23.18 ? 50  ARG A N   1 
ATOM   350 C CA  . ARG A 1 50 ? -2.773  9.429   9.821   1.00 23.13 ? 50  ARG A CA  1 
ATOM   351 C C   . ARG A 1 50 ? -2.062  9.642   11.133  1.00 22.08 ? 50  ARG A C   1 
ATOM   352 O O   . ARG A 1 50 ? -1.353  8.775   11.638  1.00 20.80 ? 50  ARG A O   1 
ATOM   353 C CB  . ARG A 1 50 ? -3.474  8.073   9.773   1.00 23.94 ? 50  ARG A CB  1 
ATOM   354 C CG  A ARG A 1 50 ? -4.696  7.999   10.672  0.75 26.86 ? 50  ARG A CG  1 
ATOM   355 C CG  B ARG A 1 50 ? -4.977  8.140   9.994   0.25 24.59 ? 50  ARG A CG  1 
ATOM   356 C CD  A ARG A 1 50 ? -5.436  6.693   10.436  0.75 31.49 ? 50  ARG A CD  1 
ATOM   357 C CD  B ARG A 1 50 ? -5.685  6.896   9.456   0.25 24.62 ? 50  ARG A CD  1 
ATOM   358 N NE  A ARG A 1 50 ? -6.515  6.487   11.396  0.75 34.91 ? 50  ARG A NE  1 
ATOM   359 N NE  B ARG A 1 50 ? -5.078  6.406   8.221   0.25 24.75 ? 50  ARG A NE  1 
ATOM   360 C CZ  A ARG A 1 50 ? -7.787  6.818   11.190  0.75 36.25 ? 50  ARG A CZ  1 
ATOM   361 C CZ  B ARG A 1 50 ? -4.517  5.207   8.075   0.25 23.52 ? 50  ARG A CZ  1 
ATOM   362 N NH1 A ARG A 1 50 ? -8.165  7.381   10.047  0.75 38.28 ? 50  ARG A NH1 1 
ATOM   363 N NH1 B ARG A 1 50 ? -4.511  4.344   9.081   0.25 20.39 ? 50  ARG A NH1 1 
ATOM   364 N NH2 A ARG A 1 50 ? -8.686  6.584   12.132  0.75 36.56 ? 50  ARG A NH2 1 
ATOM   365 N NH2 B ARG A 1 50 ? -3.981  4.863   6.912   0.25 21.04 ? 50  ARG A NH2 1 
ATOM   366 N N   . SER A 1 51 ? -2.218  10.834  11.670  1.00 20.48 ? 51  SER A N   1 
ATOM   367 C CA  . SER A 1 51 ? -1.501  11.194  12.859  1.00 20.47 ? 51  SER A CA  1 
ATOM   368 C C   . SER A 1 51 ? -1.814  10.217  13.978  1.00 19.39 ? 51  SER A C   1 
ATOM   369 O O   . SER A 1 51 ? -2.949  9.762   14.131  1.00 19.93 ? 51  SER A O   1 
ATOM   370 C CB  . SER A 1 51 ? -1.909  12.600  13.266  1.00 20.72 ? 51  SER A CB  1 
ATOM   371 O OG  A SER A 1 51 ? -3.289  12.624  13.568  0.75 22.67 ? 51  SER A OG  1 
ATOM   372 O OG  B SER A 1 51 ? -1.570  13.534  12.254  0.25 21.68 ? 51  SER A OG  1 
ATOM   373 N N   . ASN A 1 52 ? -0.790  9.919   14.764  1.00 18.58 ? 52  ASN A N   1 
ATOM   374 C CA  . ASN A 1 52 ? -0.921  9.092   15.947  1.00 18.01 ? 52  ASN A CA  1 
ATOM   375 C C   . ASN A 1 52 ? -1.341  7.667   15.607  1.00 17.03 ? 52  ASN A C   1 
ATOM   376 O O   . ASN A 1 52 ? -1.747  6.922   16.496  1.00 17.14 ? 52  ASN A O   1 
ATOM   377 C CB  . ASN A 1 52 ? -1.881  9.725   16.948  1.00 18.83 ? 52  ASN A CB  1 
ATOM   378 C CG  . ASN A 1 52 ? -1.482  11.132  17.313  1.00 20.48 ? 52  ASN A CG  1 
ATOM   379 O OD1 . ASN A 1 52 ? -2.130  12.085  16.911  1.00 25.69 ? 52  ASN A OD1 1 
ATOM   380 N ND2 . ASN A 1 52 ? -0.397  11.265  18.054  1.00 24.76 ? 52  ASN A ND2 1 
ATOM   381 N N   . VAL A 1 53 ? -1.213  7.294   14.344  1.00 17.25 ? 53  VAL A N   1 
ATOM   382 C CA  . VAL A 1 53 ? -1.470  5.929   13.922  1.00 18.10 ? 53  VAL A CA  1 
ATOM   383 C C   . VAL A 1 53 ? -0.364  5.527   12.989  1.00 18.33 ? 53  VAL A C   1 
ATOM   384 O O   . VAL A 1 53 ? 0.433   4.655   13.295  1.00 18.52 ? 53  VAL A O   1 
ATOM   385 C CB  . VAL A 1 53 ? -2.823  5.790   13.194  1.00 18.86 ? 53  VAL A CB  1 
ATOM   386 C CG1 . VAL A 1 53 ? -2.987  4.350   12.661  1.00 19.33 ? 53  VAL A CG1 1 
ATOM   387 C CG2 . VAL A 1 53 ? -3.967  6.142   14.115  1.00 19.18 ? 53  VAL A CG2 1 
ATOM   388 N N   . GLU A 1 54 ? -0.284  6.181   11.838  1.00 17.42 ? 54  GLU A N   1 
ATOM   389 C CA  . GLU A 1 54 ? 0.710   5.852   10.834  1.00 18.92 ? 54  GLU A CA  1 
ATOM   390 C C   . GLU A 1 54 ? 1.995   6.600   11.089  1.00 20.30 ? 54  GLU A C   1 
ATOM   391 O O   . GLU A 1 54 ? 3.068   6.135   10.684  1.00 21.09 ? 54  GLU A O   1 
ATOM   392 C CB  . GLU A 1 54 ? 0.216   6.227   9.444   1.00 19.57 ? 54  GLU A CB  1 
ATOM   393 C CG  A GLU A 1 54 ? -1.124  5.615   9.090   0.75 22.35 ? 54  GLU A CG  1 
ATOM   394 C CG  B GLU A 1 54 ? -1.010  5.464   8.990   0.25 19.42 ? 54  GLU A CG  1 
ATOM   395 C CD  A GLU A 1 54 ? -1.044  4.280   8.386   0.75 23.18 ? 54  GLU A CD  1 
ATOM   396 C CD  B GLU A 1 54 ? -0.660  4.138   8.381   0.25 18.22 ? 54  GLU A CD  1 
ATOM   397 O OE1 A GLU A 1 54 ? 0.029   3.858   7.902   0.75 21.83 ? 54  GLU A OE1 1 
ATOM   398 O OE1 B GLU A 1 54 ? 0.277   3.489   8.887   0.25 17.16 ? 54  GLU A OE1 1 
ATOM   399 O OE2 A GLU A 1 54 ? -2.123  3.667   8.280   0.75 25.22 ? 54  GLU A OE2 1 
ATOM   400 O OE2 B GLU A 1 54 ? -1.320  3.760   7.386   0.25 19.12 ? 54  GLU A OE2 1 
ATOM   401 N N   . GLN A 1 55 ? 1.856   7.791   11.658  1.00 21.57 ? 55  GLN A N   1 
ATOM   402 C CA  . GLN A 1 55 ? 2.978   8.624   12.101  1.00 23.20 ? 55  GLN A CA  1 
ATOM   403 C C   . GLN A 1 55 ? 2.877   8.814   13.585  1.00 24.26 ? 55  GLN A C   1 
ATOM   404 O O   . GLN A 1 55 ? 1.881   8.460   14.206  1.00 22.80 ? 55  GLN A O   1 
ATOM   405 C CB  . GLN A 1 55 ? 2.920   10.012  11.460  1.00 22.78 ? 55  GLN A CB  1 
ATOM   406 C CG  . GLN A 1 55 ? 3.137   10.041  9.962   1.00 23.23 ? 55  GLN A CG  1 
ATOM   407 C CD  . GLN A 1 55 ? 1.971   9.466   9.197   1.00 23.07 ? 55  GLN A CD  1 
ATOM   408 O OE1 . GLN A 1 55 ? 0.817   9.788   9.466   1.00 23.78 ? 55  GLN A OE1 1 
ATOM   409 N NE2 . GLN A 1 55 ? 2.266   8.614   8.220   1.00 23.23 ? 55  GLN A NE2 1 
ATOM   410 N N   . PHE A 1 56 ? 3.896   9.447   14.154  0.50 25.10 ? 56  PHE A N   1 
ATOM   411 C CA  . PHE A 1 56 ? 4.008   9.571   15.597  0.50 26.48 ? 56  PHE A CA  1 
ATOM   412 C C   . PHE A 1 56 ? 3.646   10.980  16.040  0.50 27.14 ? 56  PHE A C   1 
ATOM   413 O O   . PHE A 1 56 ? 3.866   11.949  15.319  0.50 27.76 ? 56  PHE A O   1 
ATOM   414 C CB  . PHE A 1 56 ? 5.427   9.211   16.044  0.50 26.65 ? 56  PHE A CB  1 
ATOM   415 C CG  . PHE A 1 56 ? 6.228   8.468   15.000  0.25 25.98 ? 56  PHE A CG  1 
ATOM   416 C CD1 . PHE A 1 56 ? 5.743   7.292   14.423  0.25 26.41 ? 56  PHE A CD1 1 
ATOM   417 C CD2 . PHE A 1 56 ? 7.472   8.946   14.601  0.25 26.69 ? 56  PHE A CD2 1 
ATOM   418 C CE1 . PHE A 1 56 ? 6.479   6.614   13.463  0.25 25.54 ? 56  PHE A CE1 1 
ATOM   419 C CE2 . PHE A 1 56 ? 8.221   8.269   13.644  0.25 26.79 ? 56  PHE A CE2 1 
ATOM   420 C CZ  . PHE A 1 56 ? 7.724   7.102   13.073  0.25 26.71 ? 56  PHE A CZ  1 
ATOM   421 O OXT . PHE A 1 56 ? 3.116   11.188  17.129  1.00 29.01 ? 56  PHE A OXT 1 
HETATM 422 O O   . HOH B 2 .  ? -2.678  1.703   6.691   1.00 12.09 ? 57  HOH A O   1 
HETATM 423 O O   . HOH B 2 .  ? 8.433   4.331   0.380   1.00 11.63 ? 58  HOH A O   1 
HETATM 424 O O   . HOH B 2 .  ? 6.581   -4.292  4.042   1.00 16.28 ? 59  HOH A O   1 
HETATM 425 O O   . HOH B 2 .  ? -1.325  -0.689  6.342   1.00 11.85 ? 60  HOH A O   1 
HETATM 426 O O   . HOH B 2 .  ? 0.994   -4.252  2.624   1.00 13.88 ? 61  HOH A O   1 
HETATM 427 O O   . HOH B 2 .  ? -1.960  10.107  2.998   1.00 15.47 ? 62  HOH A O   1 
HETATM 428 O O   . HOH B 2 .  ? -1.120  -3.264  3.871   1.00 16.59 ? 63  HOH A O   1 
HETATM 429 O O   . HOH B 2 .  ? 5.119   8.037   7.743   1.00 17.94 ? 64  HOH A O   1 
HETATM 430 O O   . HOH B 2 .  ? 6.347   7.134   5.391   1.00 17.42 ? 65  HOH A O   1 
HETATM 431 O O   . HOH B 2 .  ? 7.649   4.138   8.300   1.00 21.15 ? 66  HOH A O   1 
HETATM 432 O O   . HOH B 2 .  ? -0.315  11.345  -6.458  1.00 19.57 ? 67  HOH A O   1 
HETATM 433 O O   . HOH B 2 .  ? -1.081  -4.641  6.501   1.00 20.68 ? 68  HOH A O   1 
HETATM 434 O O   . HOH B 2 .  ? -2.633  0.207   -8.916  1.00 24.69 ? 69  HOH A O   1 
HETATM 435 O O   . HOH B 2 .  ? -7.750  -2.916  -9.386  1.00 20.26 ? 70  HOH A O   1 
HETATM 436 O O   . HOH B 2 .  ? -8.803  -1.010  1.613   1.00 20.34 ? 71  HOH A O   1 
HETATM 437 O O   . HOH B 2 .  ? -5.083  7.867   0.232   1.00 19.98 ? 72  HOH A O   1 
HETATM 438 O O   . HOH B 2 .  ? 0.431   12.347  10.122  1.00 30.01 ? 73  HOH A O   1 
HETATM 439 O O   . HOH B 2 .  ? -0.960  2.465   -8.800  1.00 20.53 ? 74  HOH A O   1 
HETATM 440 O O   . HOH B 2 .  ? -1.374  -6.697  -0.174  1.00 20.82 ? 75  HOH A O   1 
HETATM 441 O O   . HOH B 2 .  ? -6.050  -0.670  -9.612  1.00 20.78 ? 76  HOH A O   1 
HETATM 442 O O   . HOH B 2 .  ? 10.557  -10.751 2.275   1.00 26.80 ? 77  HOH A O   1 
HETATM 443 O O   . HOH B 2 .  ? -6.037  -4.168  1.123   1.00 23.21 ? 78  HOH A O   1 
HETATM 444 O O   . HOH B 2 .  ? -2.110  -5.505  2.356   1.00 24.18 ? 79  HOH A O   1 
HETATM 445 O O   . HOH B 2 .  ? 1.426   11.738  14.260  1.00 33.45 ? 80  HOH A O   1 
HETATM 446 O O   . HOH B 2 .  ? -5.197  1.308   7.448   1.00 24.07 ? 81  HOH A O   1 
HETATM 447 O O   . HOH B 2 .  ? -8.505  -3.686  2.109   1.00 24.53 ? 82  HOH A O   1 
HETATM 448 O O   . HOH B 2 .  ? 1.991   -0.617  -7.042  1.00 28.06 ? 83  HOH A O   1 
HETATM 449 O O   . HOH B 2 .  ? -4.338  8.939   2.732   1.00 23.85 ? 84  HOH A O   1 
HETATM 450 O O   . HOH B 2 .  ? 3.949   9.689   4.137   1.00 25.82 ? 85  HOH A O   1 
HETATM 451 O O   . HOH B 2 .  ? -2.492  12.693  3.173   1.00 31.90 ? 86  HOH A O   1 
HETATM 452 O O   . HOH B 2 .  ? 5.003   11.159  -0.180  1.00 34.03 ? 87  HOH A O   1 
HETATM 453 O O   . HOH B 2 .  ? -0.240  5.630   -9.183  1.00 31.12 ? 88  HOH A O   1 
HETATM 454 O O   . HOH B 2 .  ? 6.677   9.486   4.039   1.00 25.32 ? 89  HOH A O   1 
HETATM 455 O O   . HOH B 2 .  ? -1.004  -1.689  -9.051  1.00 33.98 ? 90  HOH A O   1 
HETATM 456 O O   . HOH B 2 .  ? -9.306  3.066   -4.070  1.00 28.84 ? 91  HOH A O   1 
HETATM 457 O O   . HOH B 2 .  ? 5.556   6.747   10.140  1.00 30.18 ? 92  HOH A O   1 
HETATM 458 O O   . HOH B 2 .  ? -6.309  3.054   10.765  1.00 39.98 ? 93  HOH A O   1 
HETATM 459 O O   . HOH B 2 .  ? -8.890  -0.139  4.208   1.00 32.78 ? 94  HOH A O   1 
HETATM 460 O O   . HOH B 2 .  ? 8.477   5.679   6.173   1.00 28.51 ? 95  HOH A O   1 
HETATM 461 O O   . HOH B 2 .  ? -11.178 -0.629  0.411   1.00 35.95 ? 96  HOH A O   1 
HETATM 462 O O   . HOH B 2 .  ? -3.166  -2.259  7.597   1.00 28.90 ? 97  HOH A O   1 
HETATM 463 O O   . HOH B 2 .  ? 10.457  4.386   4.702   1.00 31.63 ? 98  HOH A O   1 
HETATM 464 O O   . HOH B 2 .  ? -4.012  12.654  10.254  1.00 32.97 ? 99  HOH A O   1 
HETATM 465 O O   . HOH B 2 .  ? 6.231   10.500  8.109   1.00 32.57 ? 100 HOH A O   1 
HETATM 466 O O   . HOH B 2 .  ? 8.222   8.980   1.962   1.00 31.05 ? 101 HOH A O   1 
HETATM 467 O O   . HOH B 2 .  ? -12.296 -0.162  -4.135  1.00 33.17 ? 102 HOH A O   1 
HETATM 468 O O   . HOH B 2 .  ? -5.342  7.479   4.810   1.00 38.50 ? 103 HOH A O   1 
HETATM 469 O O   . HOH B 2 .  ? -8.821  3.489   -9.651  1.00 43.03 ? 104 HOH A O   1 
HETATM 470 O O   . HOH B 2 .  ? -4.545  -6.032  2.010   1.00 35.15 ? 105 HOH A O   1 
HETATM 471 O O   . HOH B 2 .  ? -10.725 1.970   -2.260  1.00 41.42 ? 106 HOH A O   1 
HETATM 472 O O   . HOH B 2 .  ? -7.906  7.859   0.928   1.00 38.63 ? 107 HOH A O   1 
HETATM 473 O O   . HOH B 2 .  ? -10.863 1.973   -5.847  1.00 36.54 ? 108 HOH A O   1 
HETATM 474 O O   . HOH B 2 .  ? 11.564  2.330   3.375   1.00 32.24 ? 109 HOH A O   1 
HETATM 475 O O   . HOH B 2 .  ? -2.958  0.570   -11.708 1.00 40.05 ? 110 HOH A O   1 
HETATM 476 O O   . HOH B 2 .  ? 1.597   2.429   -9.531  1.00 38.88 ? 111 HOH A O   1 
HETATM 477 O O   . HOH B 2 .  ? 1.638   13.386  12.145  1.00 38.07 ? 112 HOH A O   1 
HETATM 478 O O   . HOH B 2 .  ? -6.778  0.578   -11.612 1.00 42.64 ? 113 HOH A O   1 
HETATM 479 O O   . HOH B 2 .  ? 4.394   13.387  11.115  1.00 43.13 ? 114 HOH A O   1 
HETATM 480 O O   . HOH B 2 .  ? -4.606  -10.376 -1.101  1.00 41.62 ? 115 HOH A O   1 
HETATM 481 O O   . HOH B 2 .  ? -10.036 6.556   0.277   1.00 43.95 ? 116 HOH A O   1 
HETATM 482 O O   . HOH B 2 .  ? -6.172  9.375   -1.493  1.00 40.30 ? 117 HOH A O   1 
HETATM 483 O O   . HOH B 2 .  ? 3.807   0.823   -8.429  1.00 35.58 ? 118 HOH A O   1 
HETATM 484 O O   . HOH B 2 .  ? -3.403  -8.144  -0.326  1.00 38.18 ? 119 HOH A O   1 
HETATM 485 O O   . HOH B 2 .  ? 3.580   -17.182 -6.333  1.00 44.31 ? 120 HOH A O   1 
HETATM 486 O O   . HOH B 2 .  ? -8.479  2.986   4.651   1.00 35.43 ? 121 HOH A O   1 
HETATM 487 O O   . HOH B 2 .  ? -4.347  -1.919  -11.441 1.00 42.19 ? 122 HOH A O   1 
HETATM 488 O O   . HOH B 2 .  ? 1.538   -9.772  -1.746  1.00 40.33 ? 123 HOH A O   1 
HETATM 489 O O   . HOH B 2 .  ? -3.729  -5.584  6.303   1.00 35.13 ? 124 HOH A O   1 
HETATM 490 O O   . HOH B 2 .  ? -6.939  0.177   10.948  1.00 32.48 ? 125 HOH A O   1 
HETATM 491 O O   . HOH B 2 .  ? -12.406 -3.891  -1.330  1.00 42.42 ? 126 HOH A O   1 
HETATM 492 O O   . HOH B 2 .  ? -10.999 -4.655  1.014   1.00 38.45 ? 127 HOH A O   1 
HETATM 493 O O   . HOH B 2 .  ? -13.235 -1.726  -2.480  1.00 40.39 ? 128 HOH A O   1 
HETATM 494 O O   . HOH B 2 .  ? -3.063  -8.113  5.550   1.00 39.93 ? 129 HOH A O   1 
HETATM 495 O O   . HOH B 2 .  ? -10.936 3.031   2.153   1.00 37.26 ? 130 HOH A O   1 
# 
